data_6QGP
#
_entry.id   6QGP
#
_cell.length_a   115.621
_cell.length_b   115.344
_cell.length_c   68.585
_cell.angle_alpha   90.00
_cell.angle_beta   108.32
_cell.angle_gamma   90.00
#
_symmetry.space_group_name_H-M   'C 1 2 1'
#
loop_
_entity.id
_entity.type
_entity.pdbx_description
1 polymer Phosphodiesterase
2 non-polymer 'ZINC ION'
3 non-polymer 'MAGNESIUM ION'
4 non-polymer 'FORMIC ACID'
5 non-polymer GUANIDINE
6 non-polymer GLYCEROL
7 non-polymer DI(HYDROXYETHYL)ETHER
8 non-polymer 1-cycloheptyl-3-[3-(cyclopentyloxy)-4-methoxyphenyl]-4,4-dimethyl-4,5-dihydro-1H-pyrazol-5-one
9 water water
#
_entity_poly.entity_id   1
_entity_poly.type   'polypeptide(L)'
_entity_poly.pdbx_seq_one_letter_code
;GSHMASELNEHRATLFNKNVPSRAVKRVTAITKVEREAVLVCELPSFDVTDVEFDLFRARESTDKPLDVAAAIAYRLLLG
SGLPQKFGCSDEVLLNFILQCRKKYRNVPYHNFYHVVDVCQTIHTFLYRGNVYEKLTELECFVLLITALVHDLDHMGLNN
SFYLKTESPLGILSSASGNTSVLEVHHCNLAVEILSDPESDVFDGLEGAERTLAFRSMIDCVLATDMAKHGSALEAFLAS
AADQSSDEAAFHRMTMEIILKAGDISNVTKPFDISRQWAMAVTEEFYRQGDMEKERGVEVLPMFDRSKNMELAKGQIGFI
DFVAAPFFQKIVDACLQGMQWTVDRIKSNRAQWERVLETR
;
_entity_poly.pdbx_strand_id   A,B
#
loop_
_chem_comp.id
_chem_comp.type
_chem_comp.name
_chem_comp.formula
FMT non-polymer 'FORMIC ACID' 'C H2 O2'
GAI non-polymer GUANIDINE 'C H5 N3'
GOL non-polymer GLYCEROL 'C3 H8 O3'
J2E non-polymer 1-cycloheptyl-3-[3-(cyclopentyloxy)-4-methoxyphenyl]-4,4-dimethyl-4,5-dihydro-1H-pyrazol-5-one 'C24 H34 N2 O3'
MG non-polymer 'MAGNESIUM ION' 'Mg 2'
PEG non-polymer DI(HYDROXYETHYL)ETHER 'C4 H10 O3'
ZN non-polymer 'ZINC ION' 'Zn 2'
#
# COMPACT_ATOMS: atom_id res chain seq x y z
N VAL A 28 37.46 -23.87 5.70
CA VAL A 28 36.54 -23.30 4.65
C VAL A 28 36.88 -23.94 3.29
N THR A 29 36.18 -25.02 2.98
CA THR A 29 36.23 -25.77 1.68
C THR A 29 35.92 -24.82 0.51
N ALA A 30 36.55 -25.07 -0.64
CA ALA A 30 36.19 -24.43 -1.93
C ALA A 30 34.73 -24.74 -2.23
N ILE A 31 34.03 -23.82 -2.90
CA ILE A 31 32.71 -24.07 -3.55
C ILE A 31 32.92 -25.04 -4.72
N THR A 32 32.09 -26.08 -4.81
CA THR A 32 32.10 -27.05 -5.92
C THR A 32 31.36 -26.47 -7.14
N LYS A 33 31.61 -27.04 -8.33
CA LYS A 33 30.84 -26.77 -9.57
C LYS A 33 29.36 -27.10 -9.35
N VAL A 34 29.06 -28.15 -8.58
CA VAL A 34 27.66 -28.66 -8.38
C VAL A 34 26.85 -27.62 -7.58
N GLU A 35 27.44 -27.05 -6.53
CA GLU A 35 26.81 -25.98 -5.71
C GLU A 35 26.55 -24.76 -6.58
N ARG A 36 27.50 -24.37 -7.44
CA ARG A 36 27.30 -23.22 -8.37
C ARG A 36 26.13 -23.55 -9.30
N GLU A 37 26.11 -24.76 -9.87
CA GLU A 37 25.18 -25.18 -10.94
C GLU A 37 23.74 -25.02 -10.41
N ALA A 38 23.50 -25.44 -9.17
CA ALA A 38 22.19 -25.40 -8.48
C ALA A 38 21.69 -23.95 -8.35
N VAL A 39 22.58 -22.96 -8.27
CA VAL A 39 22.17 -21.52 -8.27
C VAL A 39 21.86 -21.10 -9.71
N LEU A 40 22.75 -21.46 -10.64
CA LEU A 40 22.70 -21.02 -12.05
C LEU A 40 21.41 -21.48 -12.77
N VAL A 41 20.85 -22.61 -12.37
CA VAL A 41 19.57 -23.13 -12.95
C VAL A 41 18.37 -22.27 -12.54
N CYS A 42 18.49 -21.49 -11.45
CA CYS A 42 17.35 -20.66 -11.00
C CYS A 42 17.18 -19.50 -11.97
N GLU A 43 15.97 -19.37 -12.51
CA GLU A 43 15.71 -18.37 -13.57
C GLU A 43 14.83 -17.24 -13.03
N LEU A 44 14.13 -17.45 -11.90
CA LEU A 44 13.33 -16.40 -11.23
C LEU A 44 12.25 -15.88 -12.18
N PRO A 45 11.45 -16.76 -12.82
CA PRO A 45 10.43 -16.31 -13.75
C PRO A 45 9.39 -15.48 -12.99
N SER A 46 9.02 -14.31 -13.55
CA SER A 46 7.98 -13.40 -13.02
C SER A 46 8.50 -12.46 -11.92
N PHE A 47 9.81 -12.41 -11.65
CA PHE A 47 10.39 -11.56 -10.57
C PHE A 47 11.22 -10.46 -11.22
N ASP A 48 11.01 -9.19 -10.86
CA ASP A 48 11.98 -8.09 -11.17
C ASP A 48 12.72 -7.76 -9.87
N VAL A 49 13.94 -8.29 -9.71
CA VAL A 49 14.76 -8.15 -8.47
C VAL A 49 15.12 -6.68 -8.25
N THR A 50 14.95 -5.78 -9.23
CA THR A 50 15.34 -4.36 -9.11
C THR A 50 14.19 -3.47 -8.59
N ASP A 51 12.98 -4.02 -8.38
CA ASP A 51 11.74 -3.22 -8.16
C ASP A 51 11.55 -3.03 -6.65
N VAL A 52 11.09 -1.85 -6.23
CA VAL A 52 10.89 -1.55 -4.78
C VAL A 52 9.76 -2.41 -4.23
N GLU A 53 8.94 -3.06 -5.06
CA GLU A 53 7.84 -3.95 -4.58
C GLU A 53 8.20 -5.43 -4.75
N PHE A 54 9.44 -5.75 -5.12
CA PHE A 54 9.93 -7.15 -5.16
C PHE A 54 9.60 -7.84 -3.83
N ASP A 55 9.18 -9.11 -3.88
CA ASP A 55 8.64 -9.85 -2.72
C ASP A 55 9.46 -11.12 -2.51
N LEU A 56 10.42 -11.06 -1.57
CA LEU A 56 11.37 -12.17 -1.29
C LEU A 56 10.63 -13.36 -0.71
N PHE A 57 9.54 -13.16 0.01
CA PHE A 57 8.72 -14.26 0.59
C PHE A 57 8.04 -15.04 -0.55
N ARG A 58 7.51 -14.33 -1.57
CA ARG A 58 6.89 -14.89 -2.80
C ARG A 58 7.98 -15.67 -3.54
N ALA A 59 9.18 -15.08 -3.67
CA ALA A 59 10.38 -15.75 -4.24
C ALA A 59 10.73 -17.01 -3.44
N ARG A 60 10.71 -16.99 -2.11
CA ARG A 60 11.01 -18.19 -1.27
C ARG A 60 9.91 -19.26 -1.44
N GLU A 61 8.64 -18.84 -1.59
CA GLU A 61 7.50 -19.79 -1.75
C GLU A 61 7.51 -20.44 -3.15
N SER A 62 8.28 -19.92 -4.09
CA SER A 62 8.16 -20.24 -5.54
C SER A 62 8.82 -21.56 -5.90
N THR A 63 9.62 -22.17 -5.01
CA THR A 63 10.33 -23.46 -5.25
C THR A 63 10.57 -24.17 -3.92
N ASP A 64 11.07 -25.40 -3.99
CA ASP A 64 11.49 -26.18 -2.79
C ASP A 64 12.98 -25.96 -2.50
N LYS A 65 13.68 -25.15 -3.30
CA LYS A 65 15.12 -24.77 -3.08
C LYS A 65 15.25 -23.26 -2.83
N PRO A 66 14.65 -22.74 -1.72
CA PRO A 66 14.66 -21.29 -1.49
C PRO A 66 16.07 -20.70 -1.26
N LEU A 67 17.00 -21.48 -0.73
CA LEU A 67 18.39 -21.00 -0.49
C LEU A 67 19.08 -20.72 -1.84
N ASP A 68 18.72 -21.49 -2.86
CA ASP A 68 19.29 -21.39 -4.22
C ASP A 68 18.71 -20.14 -4.89
N VAL A 69 17.41 -19.95 -4.76
CA VAL A 69 16.67 -18.79 -5.33
C VAL A 69 17.23 -17.52 -4.69
N ALA A 70 17.43 -17.51 -3.37
CA ALA A 70 18.02 -16.39 -2.59
C ALA A 70 19.40 -16.05 -3.19
N ALA A 71 20.25 -17.07 -3.35
CA ALA A 71 21.61 -16.90 -3.94
C ALA A 71 21.51 -16.34 -5.36
N ALA A 72 20.53 -16.82 -6.15
CA ALA A 72 20.35 -16.43 -7.57
C ALA A 72 19.90 -14.96 -7.63
N ILE A 73 19.13 -14.53 -6.65
CA ILE A 73 18.68 -13.12 -6.53
C ILE A 73 19.91 -12.24 -6.31
N ALA A 74 20.78 -12.63 -5.37
CA ALA A 74 21.97 -11.83 -5.00
C ALA A 74 22.91 -11.77 -6.21
N TYR A 75 23.10 -12.91 -6.85
CA TYR A 75 23.92 -13.03 -8.09
C TYR A 75 23.39 -12.09 -9.18
N ARG A 76 22.08 -12.12 -9.41
CA ARG A 76 21.46 -11.36 -10.51
C ARG A 76 21.61 -9.86 -10.22
N LEU A 77 21.37 -9.46 -8.96
CA LEU A 77 21.54 -8.05 -8.51
C LEU A 77 22.99 -7.63 -8.74
N LEU A 78 23.96 -8.46 -8.34
CA LEU A 78 25.39 -8.03 -8.41
C LEU A 78 25.80 -7.89 -9.89
N LEU A 79 25.48 -8.87 -10.76
CA LEU A 79 25.78 -8.81 -12.23
C LEU A 79 25.04 -7.67 -12.94
N GLY A 80 23.78 -7.43 -12.57
CA GLY A 80 22.90 -6.43 -13.22
C GLY A 80 23.37 -5.03 -12.95
N SER A 81 24.07 -4.83 -11.83
CA SER A 81 24.71 -3.53 -11.48
C SER A 81 25.79 -3.23 -12.53
N GLY A 82 26.37 -4.29 -13.08
CA GLY A 82 27.54 -4.24 -13.98
C GLY A 82 28.84 -3.96 -13.24
N LEU A 83 28.84 -3.96 -11.89
CA LEU A 83 30.00 -3.50 -11.10
C LEU A 83 31.10 -4.55 -11.02
N PRO A 84 30.81 -5.84 -10.72
CA PRO A 84 31.87 -6.81 -10.48
C PRO A 84 32.87 -6.89 -11.65
N GLN A 85 32.32 -7.00 -12.85
CA GLN A 85 32.99 -6.92 -14.18
C GLN A 85 34.02 -5.77 -14.18
N LYS A 86 33.64 -4.58 -13.76
CA LYS A 86 34.51 -3.39 -13.81
C LYS A 86 35.69 -3.48 -12.83
N PHE A 87 35.61 -4.32 -11.80
CA PHE A 87 36.64 -4.40 -10.73
C PHE A 87 37.31 -5.77 -10.81
N GLY A 88 37.21 -6.40 -11.98
CA GLY A 88 37.93 -7.65 -12.28
C GLY A 88 37.44 -8.78 -11.41
N CYS A 89 36.20 -8.70 -10.92
CA CYS A 89 35.56 -9.84 -10.24
C CYS A 89 34.85 -10.67 -11.30
N SER A 90 35.29 -11.91 -11.49
CA SER A 90 34.69 -12.85 -12.48
C SER A 90 33.35 -13.34 -11.95
N ASP A 91 32.49 -13.81 -12.85
CA ASP A 91 31.17 -14.42 -12.51
C ASP A 91 31.38 -15.58 -11.54
N GLU A 92 32.44 -16.36 -11.67
CA GLU A 92 32.65 -17.56 -10.84
C GLU A 92 33.09 -17.15 -9.41
N VAL A 93 33.94 -16.13 -9.28
CA VAL A 93 34.43 -15.69 -7.95
C VAL A 93 33.26 -15.04 -7.19
N LEU A 94 32.45 -14.23 -7.88
CA LEU A 94 31.22 -13.61 -7.35
C LEU A 94 30.30 -14.67 -6.78
N LEU A 95 30.05 -15.73 -7.53
CA LEU A 95 29.11 -16.79 -7.07
C LEU A 95 29.77 -17.56 -5.92
N ASN A 96 31.08 -17.80 -5.96
CA ASN A 96 31.78 -18.50 -4.85
C ASN A 96 31.58 -17.70 -3.53
N PHE A 97 31.80 -16.39 -3.60
CA PHE A 97 31.61 -15.44 -2.49
C PHE A 97 30.20 -15.60 -1.93
N ILE A 98 29.20 -15.59 -2.81
CA ILE A 98 27.77 -15.64 -2.38
C ILE A 98 27.54 -16.96 -1.62
N LEU A 99 28.04 -18.08 -2.11
CA LEU A 99 27.84 -19.40 -1.45
C LEU A 99 28.71 -19.52 -0.19
N GLN A 100 29.88 -18.88 -0.12
CA GLN A 100 30.68 -18.84 1.15
C GLN A 100 29.94 -18.00 2.22
N CYS A 101 29.26 -16.92 1.83
CA CYS A 101 28.40 -16.15 2.77
C CYS A 101 27.23 -17.02 3.21
N ARG A 102 26.54 -17.64 2.26
CA ARG A 102 25.36 -18.49 2.54
C ARG A 102 25.66 -19.59 3.56
N LYS A 103 26.81 -20.27 3.47
CA LYS A 103 27.15 -21.41 4.38
C LYS A 103 27.29 -20.94 5.83
N LYS A 104 27.52 -19.64 6.07
CA LYS A 104 27.79 -19.09 7.43
C LYS A 104 26.54 -18.44 8.05
N TYR A 105 25.39 -18.44 7.36
CA TYR A 105 24.11 -18.06 8.02
C TYR A 105 23.48 -19.33 8.61
N ARG A 106 22.76 -19.13 9.70
CA ARG A 106 22.19 -20.19 10.54
C ARG A 106 20.69 -20.25 10.25
N ASN A 107 20.07 -21.35 10.67
CA ASN A 107 18.62 -21.59 10.56
C ASN A 107 17.94 -20.88 11.75
N VAL A 108 17.97 -19.54 11.79
CA VAL A 108 17.22 -18.69 12.78
C VAL A 108 16.09 -17.98 12.05
N PRO A 109 15.05 -17.51 12.76
CA PRO A 109 13.84 -17.06 12.08
C PRO A 109 14.02 -15.73 11.32
N TYR A 110 14.93 -14.84 11.74
CA TYR A 110 15.10 -13.49 11.12
C TYR A 110 16.52 -13.25 10.56
N HIS A 111 17.57 -13.36 11.38
CA HIS A 111 18.98 -13.04 10.98
C HIS A 111 19.60 -14.21 10.23
N ASN A 112 18.97 -14.61 9.12
CA ASN A 112 19.34 -15.76 8.27
C ASN A 112 19.75 -15.19 6.90
N PHE A 113 20.02 -16.06 5.92
CA PHE A 113 20.45 -15.65 4.54
C PHE A 113 19.40 -14.76 3.86
N TYR A 114 18.10 -14.99 4.13
CA TYR A 114 16.99 -14.27 3.49
C TYR A 114 17.09 -12.79 3.91
N HIS A 115 17.46 -12.51 5.15
CA HIS A 115 17.63 -11.11 5.65
C HIS A 115 18.72 -10.38 4.88
N VAL A 116 19.87 -11.01 4.66
CA VAL A 116 21.05 -10.29 4.08
C VAL A 116 20.81 -10.15 2.57
N VAL A 117 20.17 -11.14 1.93
CA VAL A 117 19.70 -11.01 0.52
C VAL A 117 18.69 -9.87 0.42
N ASP A 118 17.78 -9.76 1.39
CA ASP A 118 16.75 -8.70 1.41
C ASP A 118 17.47 -7.34 1.51
N VAL A 119 18.51 -7.26 2.36
CA VAL A 119 19.24 -5.96 2.59
C VAL A 119 19.98 -5.57 1.32
N CYS A 120 20.61 -6.54 0.64
CA CYS A 120 21.29 -6.40 -0.67
C CYS A 120 20.31 -5.88 -1.75
N GLN A 121 19.15 -6.53 -1.88
CA GLN A 121 18.08 -6.10 -2.83
C GLN A 121 17.63 -4.67 -2.48
N THR A 122 17.42 -4.38 -1.19
CA THR A 122 16.88 -3.07 -0.74
C THR A 122 17.91 -1.98 -1.05
N ILE A 123 19.19 -2.25 -0.75
CA ILE A 123 20.29 -1.27 -1.04
C ILE A 123 20.34 -1.00 -2.54
N HIS A 124 20.20 -2.05 -3.35
CA HIS A 124 20.12 -1.91 -4.83
C HIS A 124 19.04 -0.86 -5.17
N THR A 125 17.85 -0.97 -4.58
CA THR A 125 16.73 -0.05 -4.89
C THR A 125 17.12 1.37 -4.44
N PHE A 126 17.72 1.54 -3.26
CA PHE A 126 18.11 2.89 -2.75
C PHE A 126 19.12 3.51 -3.71
N LEU A 127 20.11 2.72 -4.11
CA LEU A 127 21.20 3.16 -5.05
C LEU A 127 20.61 3.56 -6.41
N TYR A 128 19.78 2.72 -7.01
CA TYR A 128 19.42 2.85 -8.46
C TYR A 128 18.00 3.40 -8.65
N ARG A 129 16.99 2.98 -7.85
CA ARG A 129 15.65 3.62 -7.88
C ARG A 129 15.73 4.94 -7.11
N GLY A 130 16.49 5.01 -6.02
CA GLY A 130 16.57 6.23 -5.19
C GLY A 130 17.66 7.19 -5.63
N ASN A 131 18.45 6.80 -6.63
CA ASN A 131 19.53 7.62 -7.22
C ASN A 131 20.63 7.96 -6.22
N VAL A 132 20.78 7.17 -5.14
CA VAL A 132 21.89 7.42 -4.16
C VAL A 132 23.24 7.04 -4.83
N TYR A 133 23.25 6.25 -5.90
CA TYR A 133 24.47 5.92 -6.69
C TYR A 133 25.18 7.23 -7.05
N GLU A 134 24.44 8.32 -7.30
CA GLU A 134 25.02 9.62 -7.71
C GLU A 134 25.94 10.18 -6.61
N LYS A 135 25.81 9.74 -5.37
CA LYS A 135 26.58 10.28 -4.20
C LYS A 135 27.91 9.53 -4.01
N LEU A 136 28.07 8.38 -4.68
CA LEU A 136 29.15 7.38 -4.42
C LEU A 136 29.91 7.06 -5.72
N THR A 137 31.11 6.51 -5.59
CA THR A 137 31.88 5.94 -6.71
C THR A 137 31.25 4.57 -7.04
N GLU A 138 31.58 4.02 -8.20
CA GLU A 138 31.16 2.67 -8.60
C GLU A 138 31.72 1.67 -7.58
N LEU A 139 32.98 1.86 -7.14
CA LEU A 139 33.61 0.96 -6.14
C LEU A 139 32.77 0.96 -4.86
N GLU A 140 32.40 2.14 -4.35
CA GLU A 140 31.58 2.26 -3.12
C GLU A 140 30.23 1.58 -3.33
N CYS A 141 29.60 1.67 -4.51
CA CYS A 141 28.31 0.98 -4.79
C CYS A 141 28.54 -0.53 -4.74
N PHE A 142 29.64 -1.01 -5.34
CA PHE A 142 30.00 -2.44 -5.36
C PHE A 142 30.23 -2.92 -3.93
N VAL A 143 31.02 -2.16 -3.15
CA VAL A 143 31.28 -2.48 -1.71
C VAL A 143 29.95 -2.58 -0.92
N LEU A 144 29.05 -1.60 -1.05
CA LEU A 144 27.74 -1.69 -0.32
C LEU A 144 27.01 -2.98 -0.69
N LEU A 145 26.88 -3.33 -1.97
CA LEU A 145 26.12 -4.53 -2.38
C LEU A 145 26.76 -5.79 -1.76
N ILE A 146 28.08 -5.89 -1.78
CA ILE A 146 28.85 -7.01 -1.18
C ILE A 146 28.67 -6.97 0.35
N THR A 147 28.79 -5.79 0.94
CA THR A 147 28.75 -5.67 2.43
C THR A 147 27.41 -6.22 2.95
N ALA A 148 26.33 -5.97 2.21
CA ALA A 148 24.99 -6.41 2.62
C ALA A 148 25.03 -7.91 2.94
N LEU A 149 25.76 -8.68 2.16
CA LEU A 149 25.76 -10.17 2.23
C LEU A 149 26.65 -10.65 3.39
N VAL A 150 27.58 -9.81 3.88
CA VAL A 150 28.50 -10.23 4.99
C VAL A 150 27.98 -9.73 6.34
N HIS A 151 27.02 -8.80 6.37
CA HIS A 151 26.87 -7.86 7.51
C HIS A 151 26.32 -8.55 8.76
N ASP A 152 25.80 -9.78 8.62
CA ASP A 152 25.23 -10.55 9.77
C ASP A 152 25.75 -12.00 9.78
N LEU A 153 27.00 -12.23 9.33
CA LEU A 153 27.57 -13.61 9.26
C LEU A 153 27.56 -14.29 10.63
N ASP A 154 27.02 -15.51 10.68
CA ASP A 154 27.07 -16.44 11.83
C ASP A 154 26.28 -15.84 13.01
N HIS A 155 25.22 -15.08 12.71
CA HIS A 155 24.23 -14.59 13.71
C HIS A 155 23.47 -15.79 14.26
N MET A 156 23.27 -15.85 15.57
CA MET A 156 22.74 -17.05 16.29
C MET A 156 21.33 -16.73 16.83
N GLY A 157 20.80 -15.53 16.51
CA GLY A 157 19.45 -15.08 16.89
C GLY A 157 19.40 -14.47 18.29
N LEU A 158 20.57 -14.11 18.82
CA LEU A 158 20.79 -13.46 20.14
C LEU A 158 21.46 -12.12 19.86
N ASN A 159 21.03 -11.05 20.52
CA ASN A 159 21.60 -9.68 20.33
C ASN A 159 22.84 -9.48 21.22
N ASN A 160 23.49 -8.32 21.07
CA ASN A 160 24.73 -7.99 21.80
C ASN A 160 24.46 -8.12 23.31
N SER A 161 23.34 -7.57 23.76
CA SER A 161 22.97 -7.53 25.20
C SER A 161 22.92 -8.96 25.79
N PHE A 162 22.42 -9.94 25.06
CA PHE A 162 22.32 -11.33 25.58
C PHE A 162 23.72 -11.84 25.98
N TYR A 163 24.72 -11.60 25.13
CA TYR A 163 26.12 -12.04 25.35
C TYR A 163 26.69 -11.34 26.58
N LEU A 164 26.49 -10.03 26.73
CA LEU A 164 27.01 -9.24 27.86
C LEU A 164 26.29 -9.65 29.16
N LYS A 165 24.95 -9.72 29.16
CA LYS A 165 24.14 -10.05 30.37
C LYS A 165 24.48 -11.45 30.89
N THR A 166 24.73 -12.42 30.01
CA THR A 166 24.95 -13.84 30.41
C THR A 166 26.43 -14.11 30.71
N GLU A 167 27.30 -13.11 30.51
CA GLU A 167 28.78 -13.28 30.62
C GLU A 167 29.19 -14.51 29.81
N SER A 168 28.72 -14.62 28.57
CA SER A 168 29.14 -15.71 27.67
C SER A 168 30.58 -15.40 27.22
N PRO A 169 31.33 -16.45 26.79
CA PRO A 169 32.72 -16.27 26.35
C PRO A 169 32.90 -15.09 25.39
N LEU A 170 32.05 -15.00 24.38
CA LEU A 170 32.12 -13.95 23.33
C LEU A 170 31.89 -12.59 23.99
N GLY A 171 30.96 -12.52 24.94
CA GLY A 171 30.71 -11.30 25.75
C GLY A 171 31.92 -10.91 26.57
N ILE A 172 32.57 -11.87 27.22
CA ILE A 172 33.74 -11.56 28.08
C ILE A 172 34.87 -11.01 27.19
N LEU A 173 35.08 -11.62 26.02
CA LEU A 173 36.13 -11.24 25.03
C LEU A 173 35.89 -9.79 24.57
N SER A 174 34.66 -9.44 24.22
CA SER A 174 34.25 -8.06 23.85
C SER A 174 34.56 -7.08 24.98
N SER A 175 34.16 -7.37 26.22
CA SER A 175 34.42 -6.47 27.38
C SER A 175 35.94 -6.31 27.56
N ALA A 176 36.67 -7.44 27.61
CA ALA A 176 38.13 -7.51 27.85
C ALA A 176 38.87 -6.69 26.79
N SER A 177 38.44 -6.74 25.53
CA SER A 177 39.15 -6.10 24.39
C SER A 177 38.65 -4.66 24.20
N GLY A 178 37.56 -4.27 24.85
CA GLY A 178 37.04 -2.90 24.80
C GLY A 178 36.16 -2.60 23.59
N ASN A 179 35.54 -3.62 22.96
CA ASN A 179 34.49 -3.40 21.93
C ASN A 179 33.21 -4.12 22.33
N THR A 180 32.16 -3.35 22.65
CA THR A 180 30.81 -3.81 23.03
C THR A 180 29.99 -4.28 21.81
N SER A 181 30.43 -3.97 20.57
CA SER A 181 29.78 -4.46 19.33
C SER A 181 30.12 -5.94 19.14
N VAL A 182 29.67 -6.74 20.09
CA VAL A 182 29.95 -8.22 20.13
C VAL A 182 29.76 -8.80 18.73
N LEU A 183 28.53 -8.75 18.20
CA LEU A 183 28.21 -9.47 16.95
C LEU A 183 28.86 -8.79 15.73
N GLU A 184 28.87 -7.46 15.66
CA GLU A 184 29.36 -6.72 14.48
C GLU A 184 30.85 -7.05 14.28
N VAL A 185 31.67 -7.04 15.34
CA VAL A 185 33.11 -7.40 15.23
C VAL A 185 33.24 -8.88 14.74
N HIS A 186 32.42 -9.77 15.31
CA HIS A 186 32.46 -11.21 14.92
C HIS A 186 32.11 -11.35 13.44
N HIS A 187 31.11 -10.58 12.97
CA HIS A 187 30.68 -10.63 11.55
C HIS A 187 31.83 -10.20 10.64
N CYS A 188 32.56 -9.15 11.06
CA CYS A 188 33.71 -8.63 10.26
C CYS A 188 34.79 -9.70 10.15
N ASN A 189 35.04 -10.42 11.25
CA ASN A 189 36.08 -11.50 11.27
C ASN A 189 35.78 -12.54 10.22
N LEU A 190 34.52 -12.94 10.06
CA LEU A 190 34.18 -14.02 9.09
C LEU A 190 34.19 -13.45 7.67
N ALA A 191 33.97 -12.13 7.49
CA ALA A 191 34.02 -11.49 6.16
C ALA A 191 35.47 -11.54 5.69
N VAL A 192 36.40 -11.17 6.57
CA VAL A 192 37.87 -11.12 6.26
C VAL A 192 38.32 -12.54 5.90
N GLU A 193 37.88 -13.55 6.63
CA GLU A 193 38.19 -14.99 6.40
C GLU A 193 37.72 -15.38 4.98
N ILE A 194 36.50 -15.05 4.56
CA ILE A 194 36.01 -15.33 3.18
C ILE A 194 36.89 -14.62 2.14
N LEU A 195 37.20 -13.35 2.33
CA LEU A 195 37.94 -12.56 1.31
C LEU A 195 39.44 -12.93 1.27
N SER A 196 39.91 -13.82 2.17
CA SER A 196 41.35 -14.17 2.33
C SER A 196 41.74 -15.24 1.29
N ASP A 197 40.75 -15.95 0.74
CA ASP A 197 40.89 -16.88 -0.41
C ASP A 197 40.58 -16.17 -1.72
N PRO A 198 41.52 -16.10 -2.70
CA PRO A 198 41.24 -15.56 -4.04
C PRO A 198 40.02 -16.14 -4.78
N GLU A 199 39.66 -17.40 -4.51
CA GLU A 199 38.50 -18.07 -5.16
C GLU A 199 37.17 -17.40 -4.75
N SER A 200 37.10 -16.73 -3.59
CA SER A 200 35.90 -15.99 -3.10
C SER A 200 36.22 -14.53 -2.77
N ASP A 201 37.33 -13.99 -3.25
CA ASP A 201 37.70 -12.59 -2.92
C ASP A 201 37.17 -11.70 -4.04
N VAL A 202 35.98 -11.13 -3.86
CA VAL A 202 35.35 -10.25 -4.88
C VAL A 202 36.17 -8.95 -5.00
N PHE A 203 37.20 -8.75 -4.16
CA PHE A 203 38.07 -7.51 -4.16
C PHE A 203 39.48 -7.81 -4.70
N ASP A 204 39.69 -9.04 -5.17
CA ASP A 204 40.99 -9.55 -5.66
C ASP A 204 41.46 -8.74 -6.86
N GLY A 205 40.53 -8.18 -7.63
CA GLY A 205 40.86 -7.34 -8.79
C GLY A 205 41.37 -5.98 -8.38
N LEU A 206 41.37 -5.68 -7.09
CA LEU A 206 41.82 -4.35 -6.55
C LEU A 206 43.24 -4.44 -6.00
N GLU A 207 43.93 -3.31 -5.89
CA GLU A 207 45.21 -3.23 -5.13
C GLU A 207 45.41 -1.82 -4.57
N GLY A 208 46.45 -1.66 -3.75
CA GLY A 208 46.83 -0.38 -3.13
C GLY A 208 45.62 0.26 -2.47
N ALA A 209 45.44 1.57 -2.68
CA ALA A 209 44.47 2.41 -1.96
C ALA A 209 43.04 1.89 -2.22
N GLU A 210 42.70 1.41 -3.42
CA GLU A 210 41.34 0.91 -3.74
C GLU A 210 41.03 -0.33 -2.90
N ARG A 211 41.98 -1.24 -2.77
CA ARG A 211 41.72 -2.49 -1.99
C ARG A 211 41.57 -2.13 -0.51
N THR A 212 42.39 -1.21 0.00
CA THR A 212 42.30 -0.76 1.41
C THR A 212 40.92 -0.15 1.65
N LEU A 213 40.50 0.79 0.79
CA LEU A 213 39.17 1.46 0.86
C LEU A 213 38.06 0.40 0.82
N ALA A 214 38.15 -0.59 -0.05
CA ALA A 214 37.12 -1.65 -0.13
C ALA A 214 36.95 -2.29 1.25
N PHE A 215 38.05 -2.76 1.87
CA PHE A 215 38.03 -3.48 3.16
C PHE A 215 37.65 -2.54 4.30
N ARG A 216 38.22 -1.32 4.36
CA ARG A 216 37.94 -0.36 5.45
C ARG A 216 36.45 0.01 5.42
N SER A 217 35.89 0.33 4.25
CA SER A 217 34.50 0.81 4.13
C SER A 217 33.55 -0.36 4.40
N MET A 218 33.87 -1.57 3.97
CA MET A 218 33.04 -2.75 4.32
C MET A 218 32.98 -2.86 5.84
N ILE A 219 34.14 -2.84 6.51
CA ILE A 219 34.23 -3.01 7.99
C ILE A 219 33.53 -1.83 8.69
N ASP A 220 33.83 -0.58 8.34
CA ASP A 220 33.15 0.61 8.92
C ASP A 220 31.62 0.45 8.81
N CYS A 221 31.08 0.05 7.65
CA CYS A 221 29.63 -0.16 7.42
C CYS A 221 29.08 -1.24 8.36
N VAL A 222 29.72 -2.40 8.45
CA VAL A 222 29.20 -3.48 9.33
C VAL A 222 29.20 -2.96 10.79
N LEU A 223 30.29 -2.29 11.24
CA LEU A 223 30.38 -1.81 12.65
C LEU A 223 29.27 -0.79 12.92
N ALA A 224 28.84 -0.02 11.90
CA ALA A 224 27.80 1.01 12.03
C ALA A 224 26.39 0.40 12.13
N THR A 225 26.19 -0.91 11.92
CA THR A 225 24.87 -1.57 12.05
C THR A 225 24.51 -1.82 13.53
N ASP A 226 25.44 -1.64 14.49
CA ASP A 226 25.14 -1.76 15.95
C ASP A 226 24.18 -0.64 16.35
N MET A 227 22.97 -1.01 16.78
CA MET A 227 21.87 -0.03 17.00
C MET A 227 22.19 0.87 18.21
N ALA A 228 23.16 0.51 19.06
CA ALA A 228 23.67 1.37 20.16
C ALA A 228 24.31 2.64 19.57
N LYS A 229 24.76 2.62 18.31
CA LYS A 229 25.45 3.77 17.66
C LYS A 229 24.46 4.53 16.76
N HIS A 230 23.17 4.12 16.74
CA HIS A 230 22.14 4.65 15.80
C HIS A 230 22.12 6.18 15.82
N GLY A 231 21.85 6.77 16.98
CA GLY A 231 21.70 8.23 17.14
C GLY A 231 22.96 8.96 16.70
N SER A 232 24.15 8.48 17.08
CA SER A 232 25.43 9.17 16.78
C SER A 232 25.77 9.01 15.28
N ALA A 233 25.55 7.83 14.68
CA ALA A 233 25.68 7.62 13.22
C ALA A 233 24.77 8.61 12.46
N LEU A 234 23.51 8.70 12.85
CA LEU A 234 22.53 9.54 12.13
C LEU A 234 22.95 11.02 12.25
N GLU A 235 23.34 11.46 13.45
CA GLU A 235 23.73 12.88 13.72
C GLU A 235 25.00 13.24 12.93
N ALA A 236 26.00 12.35 12.85
CA ALA A 236 27.25 12.60 12.09
C ALA A 236 26.92 12.79 10.60
N PHE A 237 26.16 11.85 10.01
CA PHE A 237 25.71 11.92 8.59
C PHE A 237 24.98 13.24 8.29
N LEU A 238 24.03 13.66 9.14
CA LEU A 238 23.21 14.88 8.90
C LEU A 238 24.10 16.14 9.01
N ALA A 239 25.03 16.17 9.96
CA ALA A 239 25.97 17.30 10.17
C ALA A 239 26.88 17.42 8.95
N SER A 240 27.33 16.28 8.40
CA SER A 240 28.18 16.24 7.18
C SER A 240 27.35 16.65 5.95
N ALA A 241 26.12 16.13 5.80
CA ALA A 241 25.24 16.46 4.64
C ALA A 241 24.95 17.95 4.64
N ALA A 242 24.82 18.58 5.81
CA ALA A 242 24.46 20.02 5.91
C ALA A 242 25.70 20.89 5.68
N ASP A 243 26.89 20.32 5.63
CA ASP A 243 28.17 21.08 5.57
C ASP A 243 28.77 20.99 4.17
N GLN A 244 28.65 22.06 3.36
CA GLN A 244 29.20 22.09 1.98
C GLN A 244 30.74 21.99 2.01
N SER A 245 31.40 22.21 3.15
CA SER A 245 32.85 22.02 3.31
C SER A 245 33.17 20.71 4.05
N SER A 246 32.22 19.78 4.15
CA SER A 246 32.52 18.47 4.75
C SER A 246 33.68 17.84 3.99
N ASP A 247 34.60 17.18 4.69
CA ASP A 247 35.57 16.29 4.04
C ASP A 247 34.83 15.30 3.11
N GLU A 248 35.25 15.22 1.86
CA GLU A 248 34.60 14.45 0.77
C GLU A 248 34.67 12.95 1.11
N ALA A 249 35.85 12.43 1.42
CA ALA A 249 36.08 11.02 1.82
C ALA A 249 35.19 10.65 3.01
N ALA A 250 35.13 11.49 4.05
CA ALA A 250 34.27 11.30 5.25
C ALA A 250 32.77 11.30 4.90
N PHE A 251 32.29 12.21 4.04
CA PHE A 251 30.89 12.23 3.56
C PHE A 251 30.53 10.92 2.86
N HIS A 252 31.39 10.46 1.96
CA HIS A 252 31.20 9.23 1.19
C HIS A 252 31.07 8.08 2.18
N ARG A 253 31.96 8.01 3.16
CA ARG A 253 31.97 6.89 4.13
C ARG A 253 30.67 6.91 4.94
N MET A 254 30.26 8.08 5.39
CA MET A 254 29.06 8.19 6.24
C MET A 254 27.81 7.85 5.41
N THR A 255 27.82 8.19 4.11
CA THR A 255 26.71 7.88 3.18
C THR A 255 26.61 6.35 3.04
N MET A 256 27.74 5.68 2.88
CA MET A 256 27.76 4.20 2.86
C MET A 256 27.18 3.66 4.17
N GLU A 257 27.64 4.16 5.31
CA GLU A 257 27.19 3.67 6.65
C GLU A 257 25.67 3.85 6.76
N ILE A 258 25.17 5.01 6.35
CA ILE A 258 23.73 5.32 6.51
C ILE A 258 22.91 4.42 5.57
N ILE A 259 23.42 4.05 4.41
CA ILE A 259 22.68 3.24 3.42
C ILE A 259 22.62 1.79 3.94
N LEU A 260 23.70 1.23 4.47
CA LEU A 260 23.63 -0.11 5.09
C LEU A 260 22.70 -0.05 6.30
N LYS A 261 22.76 0.99 7.14
CA LYS A 261 21.79 1.09 8.26
C LYS A 261 20.36 1.15 7.70
N ALA A 262 20.15 1.96 6.66
CA ALA A 262 18.83 2.15 6.05
C ALA A 262 18.30 0.79 5.60
N GLY A 263 19.14 0.02 4.91
CA GLY A 263 18.77 -1.32 4.43
C GLY A 263 18.39 -2.21 5.59
N ASP A 264 19.20 -2.20 6.65
CA ASP A 264 19.03 -3.07 7.83
C ASP A 264 17.71 -2.76 8.59
N ILE A 265 17.19 -1.54 8.56
CA ILE A 265 15.87 -1.21 9.21
C ILE A 265 14.78 -0.85 8.17
N SER A 266 14.81 -1.45 6.99
CA SER A 266 13.94 -1.13 5.82
C SER A 266 12.62 -1.92 5.82
N ASN A 267 12.47 -2.94 6.69
CA ASN A 267 11.27 -3.82 6.75
C ASN A 267 9.97 -2.97 6.73
N VAL A 268 9.93 -1.86 7.46
CA VAL A 268 8.71 -0.98 7.55
C VAL A 268 8.57 -0.07 6.33
N THR A 269 9.50 -0.10 5.37
CA THR A 269 9.41 0.71 4.12
C THR A 269 8.80 -0.14 3.01
N LYS A 270 8.55 -1.42 3.26
CA LYS A 270 8.07 -2.36 2.22
C LYS A 270 6.54 -2.37 2.18
N PRO A 271 5.92 -2.96 1.13
CA PRO A 271 4.48 -3.18 1.14
C PRO A 271 4.06 -3.92 2.42
N PHE A 272 2.92 -3.50 2.94
CA PHE A 272 2.39 -3.86 4.27
C PHE A 272 2.52 -5.38 4.51
N ASP A 273 2.09 -6.25 3.61
CA ASP A 273 2.13 -7.72 3.91
C ASP A 273 3.57 -8.24 3.95
N ILE A 274 4.50 -7.69 3.15
CA ILE A 274 5.95 -8.03 3.26
C ILE A 274 6.45 -7.57 4.65
N SER A 275 6.20 -6.31 4.99
CA SER A 275 6.55 -5.66 6.27
C SER A 275 6.09 -6.51 7.44
N ARG A 276 4.85 -6.98 7.35
CA ARG A 276 4.22 -7.84 8.38
C ARG A 276 4.95 -9.17 8.52
N GLN A 277 5.24 -9.89 7.44
CA GLN A 277 5.90 -11.23 7.60
C GLN A 277 7.31 -11.05 8.22
N TRP A 278 8.02 -9.95 7.93
CA TRP A 278 9.35 -9.65 8.54
C TRP A 278 9.14 -9.45 10.05
N ALA A 279 8.14 -8.66 10.43
CA ALA A 279 7.91 -8.33 11.85
C ALA A 279 7.58 -9.61 12.64
N MET A 280 6.94 -10.57 12.00
CA MET A 280 6.58 -11.85 12.68
C MET A 280 7.84 -12.68 12.89
N ALA A 281 8.75 -12.66 11.91
CA ALA A 281 10.05 -13.35 11.98
C ALA A 281 10.91 -12.73 13.10
N VAL A 282 10.97 -11.40 13.18
CA VAL A 282 11.72 -10.68 14.25
C VAL A 282 11.19 -11.14 15.62
N THR A 283 9.86 -11.03 15.79
CA THR A 283 9.16 -11.30 17.08
C THR A 283 9.49 -12.72 17.54
N GLU A 284 9.51 -13.70 16.62
CA GLU A 284 9.74 -15.11 17.03
C GLU A 284 11.20 -15.26 17.47
N GLU A 285 12.11 -14.55 16.80
CA GLU A 285 13.54 -14.58 17.17
C GLU A 285 13.67 -13.99 18.58
N PHE A 286 13.04 -12.83 18.83
CA PHE A 286 13.06 -12.17 20.16
C PHE A 286 12.53 -13.12 21.24
N TYR A 287 11.48 -13.89 20.95
CA TYR A 287 10.80 -14.78 21.92
C TYR A 287 11.74 -15.90 22.35
N ARG A 288 12.49 -16.43 21.38
CA ARG A 288 13.46 -17.53 21.59
C ARG A 288 14.60 -17.01 22.48
N GLN A 289 15.02 -15.74 22.28
CA GLN A 289 16.07 -15.16 23.14
C GLN A 289 15.52 -15.08 24.56
N GLY A 290 14.30 -14.57 24.72
CA GLY A 290 13.63 -14.42 26.03
C GLY A 290 13.45 -15.75 26.73
N ASP A 291 13.21 -16.82 25.98
CA ASP A 291 13.06 -18.18 26.53
C ASP A 291 14.41 -18.57 27.14
N MET A 292 15.50 -18.32 26.42
CA MET A 292 16.86 -18.68 26.87
C MET A 292 17.27 -17.79 28.04
N GLU A 293 16.86 -16.53 28.06
CA GLU A 293 17.19 -15.58 29.16
C GLU A 293 16.46 -16.05 30.43
N LYS A 294 15.27 -16.61 30.24
CA LYS A 294 14.36 -17.08 31.32
C LYS A 294 14.99 -18.29 32.00
N GLU A 295 15.34 -19.30 31.21
CA GLU A 295 15.98 -20.56 31.67
C GLU A 295 17.39 -20.28 32.16
N ARG A 296 17.83 -19.03 32.03
CA ARG A 296 19.21 -18.67 32.46
C ARG A 296 19.13 -17.67 33.60
N GLY A 297 17.92 -17.26 33.96
CA GLY A 297 17.74 -16.33 35.08
C GLY A 297 18.31 -14.95 34.84
N VAL A 298 18.26 -14.44 33.61
CA VAL A 298 18.73 -13.03 33.41
C VAL A 298 17.52 -12.17 33.00
N GLU A 299 17.67 -10.84 33.02
CA GLU A 299 16.60 -9.87 32.69
C GLU A 299 16.00 -10.18 31.30
N VAL A 300 14.67 -10.30 31.23
CA VAL A 300 13.87 -10.57 29.99
C VAL A 300 13.03 -9.34 29.70
N LEU A 301 13.44 -8.47 28.76
CA LEU A 301 12.65 -7.28 28.34
C LEU A 301 11.24 -7.72 27.87
N PRO A 302 10.23 -6.82 27.95
CA PRO A 302 8.84 -7.21 27.65
C PRO A 302 8.67 -7.70 26.20
N MET A 303 9.27 -6.95 25.28
CA MET A 303 9.40 -7.24 23.83
C MET A 303 9.86 -8.69 23.57
N PHE A 304 10.61 -9.32 24.48
CA PHE A 304 11.20 -10.68 24.30
C PHE A 304 10.42 -11.73 25.09
N ASP A 305 9.32 -11.33 25.74
CA ASP A 305 8.52 -12.17 26.67
C ASP A 305 7.28 -12.74 25.96
N ARG A 306 7.31 -14.04 25.66
CA ARG A 306 6.17 -14.81 25.08
C ARG A 306 4.88 -14.53 25.87
N SER A 307 4.97 -14.53 27.20
CA SER A 307 3.78 -14.52 28.09
C SER A 307 3.25 -13.09 28.25
N LYS A 308 3.87 -12.08 27.64
CA LYS A 308 3.30 -10.72 27.59
C LYS A 308 2.40 -10.56 26.35
N ASN A 309 2.49 -11.49 25.39
CA ASN A 309 1.68 -11.55 24.15
C ASN A 309 1.47 -10.15 23.55
N MET A 310 2.53 -9.33 23.46
CA MET A 310 2.42 -7.90 23.08
C MET A 310 1.95 -7.79 21.63
N GLU A 311 1.20 -6.74 21.32
CA GLU A 311 0.44 -6.60 20.04
C GLU A 311 1.39 -6.15 18.92
N LEU A 312 1.42 -6.90 17.83
CA LEU A 312 2.23 -6.58 16.62
C LEU A 312 1.97 -5.12 16.21
N ALA A 313 0.71 -4.72 16.03
CA ALA A 313 0.33 -3.38 15.54
C ALA A 313 0.99 -2.32 16.39
N LYS A 314 0.95 -2.47 17.72
CA LYS A 314 1.49 -1.46 18.66
C LYS A 314 3.03 -1.43 18.54
N GLY A 315 3.65 -2.60 18.45
CA GLY A 315 5.10 -2.71 18.25
C GLY A 315 5.51 -2.00 16.98
N GLN A 316 4.83 -2.27 15.87
CA GLN A 316 5.19 -1.68 14.55
C GLN A 316 5.03 -0.16 14.62
N ILE A 317 3.95 0.33 15.24
CA ILE A 317 3.69 1.81 15.27
C ILE A 317 4.79 2.45 16.13
N GLY A 318 5.12 1.79 17.24
CA GLY A 318 6.17 2.25 18.17
C GLY A 318 7.49 2.41 17.45
N PHE A 319 7.89 1.36 16.73
CA PHE A 319 9.16 1.38 15.96
C PHE A 319 9.11 2.47 14.88
N ILE A 320 8.00 2.56 14.15
CA ILE A 320 7.76 3.62 13.12
C ILE A 320 7.93 4.98 13.78
N ASP A 321 7.29 5.22 14.91
CA ASP A 321 7.21 6.58 15.48
C ASP A 321 8.57 6.97 16.07
N PHE A 322 9.27 6.06 16.71
CA PHE A 322 10.46 6.43 17.53
C PHE A 322 11.78 6.22 16.74
N VAL A 323 11.83 5.32 15.77
CA VAL A 323 13.09 4.97 15.04
C VAL A 323 12.96 5.29 13.55
N ALA A 324 12.12 4.55 12.81
CA ALA A 324 12.15 4.47 11.33
C ALA A 324 11.64 5.76 10.68
N ALA A 325 10.53 6.35 11.13
CA ALA A 325 9.97 7.51 10.39
C ALA A 325 10.94 8.68 10.52
N PRO A 326 11.45 9.01 11.73
CA PRO A 326 12.42 10.09 11.88
C PRO A 326 13.73 9.86 11.10
N PHE A 327 14.22 8.62 11.08
CA PHE A 327 15.48 8.26 10.37
C PHE A 327 15.34 8.56 8.87
N PHE A 328 14.38 7.89 8.22
CA PHE A 328 14.09 8.02 6.78
C PHE A 328 13.69 9.47 6.46
N GLN A 329 12.88 10.12 7.30
CA GLN A 329 12.46 11.51 6.99
C GLN A 329 13.71 12.38 6.95
N LYS A 330 14.61 12.26 7.92
CA LYS A 330 15.75 13.18 8.06
C LYS A 330 16.79 12.98 6.93
N ILE A 331 17.06 11.73 6.52
CA ILE A 331 18.10 11.45 5.48
C ILE A 331 17.54 11.89 4.14
N VAL A 332 16.24 11.67 3.89
CA VAL A 332 15.61 12.09 2.61
C VAL A 332 15.72 13.63 2.53
N ASP A 333 15.31 14.33 3.57
CA ASP A 333 15.32 15.83 3.62
C ASP A 333 16.75 16.36 3.56
N ALA A 334 17.69 15.73 4.27
CA ALA A 334 19.08 16.24 4.33
C ALA A 334 19.75 16.17 2.95
N CYS A 335 19.41 15.18 2.12
CA CYS A 335 20.35 14.72 1.08
C CYS A 335 19.74 13.71 0.08
N LEU A 336 19.00 12.71 0.56
CA LEU A 336 18.63 11.55 -0.30
C LEU A 336 17.17 11.67 -0.77
N GLN A 337 16.86 12.77 -1.49
CA GLN A 337 15.48 13.13 -1.95
C GLN A 337 14.86 11.98 -2.76
N GLY A 338 15.64 11.27 -3.56
CA GLY A 338 15.17 10.16 -4.40
C GLY A 338 14.61 9.01 -3.57
N MET A 339 14.85 8.98 -2.26
CA MET A 339 14.30 7.91 -1.38
C MET A 339 12.97 8.34 -0.72
N GLN A 340 12.33 9.41 -1.21
CA GLN A 340 11.00 9.86 -0.70
C GLN A 340 10.04 8.67 -0.52
N TRP A 341 10.03 7.68 -1.41
CA TRP A 341 9.03 6.58 -1.35
C TRP A 341 9.11 5.83 -0.03
N THR A 342 10.29 5.76 0.60
CA THR A 342 10.45 5.05 1.89
C THR A 342 9.53 5.72 2.93
N VAL A 343 9.56 7.06 2.99
CA VAL A 343 8.78 7.92 3.94
C VAL A 343 7.27 7.73 3.66
N ASP A 344 6.87 7.78 2.39
CA ASP A 344 5.48 7.56 1.91
C ASP A 344 4.96 6.19 2.37
N ARG A 345 5.75 5.14 2.22
CA ARG A 345 5.31 3.76 2.56
C ARG A 345 5.21 3.61 4.08
N ILE A 346 6.09 4.25 4.86
CA ILE A 346 6.07 4.12 6.34
C ILE A 346 4.78 4.76 6.82
N LYS A 347 4.43 5.87 6.19
CA LYS A 347 3.17 6.60 6.47
C LYS A 347 2.00 5.68 6.14
N SER A 348 2.00 5.03 4.97
CA SER A 348 0.90 4.12 4.58
C SER A 348 0.86 2.96 5.56
N ASN A 349 2.01 2.40 5.86
CA ASN A 349 2.06 1.25 6.81
C ASN A 349 1.56 1.70 8.19
N ARG A 350 1.87 2.89 8.66
CA ARG A 350 1.42 3.31 10.01
C ARG A 350 -0.12 3.43 10.02
N ALA A 351 -0.73 3.96 8.95
CA ALA A 351 -2.21 4.10 8.81
C ALA A 351 -2.87 2.72 8.73
N GLN A 352 -2.25 1.77 8.04
CA GLN A 352 -2.79 0.40 7.97
C GLN A 352 -2.79 -0.23 9.37
N TRP A 353 -1.71 -0.08 10.14
CA TRP A 353 -1.65 -0.60 11.53
C TRP A 353 -2.69 0.11 12.40
N GLU A 354 -2.92 1.41 12.21
CA GLU A 354 -3.98 2.15 12.93
C GLU A 354 -5.36 1.54 12.61
N ARG A 355 -5.59 1.07 11.37
CA ARG A 355 -6.88 0.45 10.94
C ARG A 355 -7.04 -0.90 11.65
N VAL A 356 -5.95 -1.64 11.80
CA VAL A 356 -5.95 -2.90 12.61
C VAL A 356 -6.43 -2.60 14.03
N LEU A 357 -5.95 -1.52 14.67
CA LEU A 357 -6.33 -1.19 16.07
C LEU A 357 -7.78 -0.72 16.08
N GLU A 358 -8.15 0.11 15.11
CA GLU A 358 -9.50 0.74 15.02
C GLU A 358 -10.58 -0.34 14.92
N THR A 359 -10.30 -1.48 14.29
CA THR A 359 -11.31 -2.52 13.98
C THR A 359 -11.18 -3.71 14.94
N ARG A 360 -10.27 -3.64 15.90
CA ARG A 360 -10.07 -4.78 16.83
C ARG A 360 -11.25 -4.83 17.84
N VAL B 28 -19.38 18.40 11.73
CA VAL B 28 -19.66 19.24 12.94
C VAL B 28 -18.84 20.55 12.84
N THR B 29 -17.51 20.48 12.66
CA THR B 29 -16.58 21.65 12.46
C THR B 29 -16.86 22.33 11.12
N ALA B 30 -17.04 23.66 11.11
CA ALA B 30 -17.62 24.41 9.97
C ALA B 30 -16.55 24.66 8.91
N ILE B 31 -16.96 24.71 7.64
CA ILE B 31 -16.05 24.92 6.49
C ILE B 31 -15.64 26.40 6.53
N THR B 32 -14.41 26.72 6.13
CA THR B 32 -13.84 28.09 6.17
C THR B 32 -13.77 28.71 4.76
N LYS B 33 -13.82 30.04 4.70
CA LYS B 33 -13.70 30.84 3.45
C LYS B 33 -12.52 30.31 2.62
N VAL B 34 -11.36 30.10 3.27
CA VAL B 34 -10.08 29.70 2.63
C VAL B 34 -10.29 28.38 1.88
N GLU B 35 -10.94 27.41 2.52
CA GLU B 35 -11.27 26.05 1.97
C GLU B 35 -12.16 26.17 0.73
N ARG B 36 -13.17 27.05 0.77
CA ARG B 36 -14.11 27.26 -0.37
C ARG B 36 -13.32 27.83 -1.58
N GLU B 37 -12.45 28.82 -1.34
CA GLU B 37 -11.68 29.56 -2.39
C GLU B 37 -10.76 28.61 -3.15
N ALA B 38 -10.14 27.65 -2.46
CA ALA B 38 -9.26 26.62 -3.06
C ALA B 38 -10.04 25.79 -4.09
N VAL B 39 -11.36 25.61 -3.91
CA VAL B 39 -12.25 24.91 -4.88
C VAL B 39 -12.68 25.89 -5.98
N LEU B 40 -13.01 27.12 -5.61
CA LEU B 40 -13.59 28.14 -6.53
C LEU B 40 -12.58 28.53 -7.63
N VAL B 41 -11.27 28.40 -7.38
CA VAL B 41 -10.21 28.89 -8.32
C VAL B 41 -9.89 27.81 -9.37
N CYS B 42 -10.29 26.55 -9.15
CA CYS B 42 -10.15 25.45 -10.15
C CYS B 42 -11.15 25.69 -11.29
N GLU B 43 -10.67 25.99 -12.51
CA GLU B 43 -11.50 26.32 -13.70
C GLU B 43 -11.68 25.13 -14.65
N LEU B 44 -10.99 24.00 -14.45
CA LEU B 44 -11.21 22.74 -15.22
C LEU B 44 -11.15 22.98 -16.72
N PRO B 45 -10.18 23.76 -17.24
CA PRO B 45 -10.19 24.13 -18.65
C PRO B 45 -9.94 22.86 -19.47
N SER B 46 -10.68 22.71 -20.58
CA SER B 46 -10.59 21.55 -21.50
C SER B 46 -11.27 20.30 -20.93
N PHE B 47 -12.01 20.39 -19.82
CA PHE B 47 -12.83 19.26 -19.32
C PHE B 47 -14.30 19.59 -19.60
N ASP B 48 -15.04 18.61 -20.11
CA ASP B 48 -16.54 18.65 -20.13
C ASP B 48 -17.04 17.62 -19.11
N VAL B 49 -17.49 18.09 -17.94
CA VAL B 49 -17.89 17.22 -16.79
C VAL B 49 -19.19 16.47 -17.11
N THR B 50 -19.92 16.87 -18.18
CA THR B 50 -21.21 16.23 -18.55
C THR B 50 -21.01 15.09 -19.55
N ASP B 51 -19.78 14.85 -20.02
CA ASP B 51 -19.53 13.96 -21.18
C ASP B 51 -19.36 12.52 -20.69
N VAL B 52 -19.89 11.52 -21.39
CA VAL B 52 -19.74 10.07 -21.00
C VAL B 52 -18.26 9.64 -21.09
N GLU B 53 -17.41 10.46 -21.72
CA GLU B 53 -15.98 10.14 -21.96
C GLU B 53 -15.08 10.97 -21.03
N PHE B 54 -15.64 11.89 -20.24
CA PHE B 54 -14.92 12.62 -19.17
C PHE B 54 -13.99 11.66 -18.39
N ASP B 55 -12.75 12.09 -18.20
CA ASP B 55 -11.63 11.31 -17.57
C ASP B 55 -11.23 11.95 -16.23
N LEU B 56 -11.70 11.37 -15.11
CA LEU B 56 -11.44 11.91 -13.76
C LEU B 56 -9.94 11.74 -13.44
N PHE B 57 -9.33 10.63 -13.87
CA PHE B 57 -7.89 10.34 -13.67
C PHE B 57 -7.05 11.43 -14.34
N ARG B 58 -7.45 11.86 -15.54
CA ARG B 58 -6.77 12.97 -16.24
C ARG B 58 -6.99 14.27 -15.46
N ALA B 59 -8.21 14.51 -14.96
CA ALA B 59 -8.52 15.71 -14.16
C ALA B 59 -7.63 15.70 -12.90
N ARG B 60 -7.49 14.55 -12.25
CA ARG B 60 -6.67 14.36 -11.03
C ARG B 60 -5.19 14.69 -11.30
N GLU B 61 -4.62 14.10 -12.35
CA GLU B 61 -3.21 14.33 -12.78
C GLU B 61 -3.03 15.79 -13.26
N SER B 62 -4.09 16.57 -13.46
CA SER B 62 -4.04 17.90 -14.14
C SER B 62 -3.49 18.99 -13.21
N THR B 63 -3.55 18.83 -11.89
CA THR B 63 -2.97 19.81 -10.92
C THR B 63 -2.30 19.06 -9.77
N ASP B 64 -1.71 19.79 -8.82
CA ASP B 64 -1.08 19.17 -7.62
C ASP B 64 -2.14 19.12 -6.50
N LYS B 65 -3.34 19.60 -6.79
CA LYS B 65 -4.47 19.68 -5.83
C LYS B 65 -5.64 18.83 -6.33
N PRO B 66 -5.47 17.52 -6.55
CA PRO B 66 -6.54 16.70 -7.12
C PRO B 66 -7.83 16.71 -6.26
N LEU B 67 -7.72 16.93 -4.94
CA LEU B 67 -8.90 16.95 -4.02
C LEU B 67 -9.72 18.21 -4.25
N ASP B 68 -9.05 19.33 -4.59
CA ASP B 68 -9.73 20.62 -4.90
C ASP B 68 -10.37 20.52 -6.29
N VAL B 69 -9.68 19.86 -7.24
CA VAL B 69 -10.25 19.64 -8.59
C VAL B 69 -11.46 18.70 -8.48
N ALA B 70 -11.40 17.58 -7.74
CA ALA B 70 -12.54 16.64 -7.59
C ALA B 70 -13.75 17.38 -6.97
N ALA B 71 -13.53 18.25 -5.99
CA ALA B 71 -14.60 19.08 -5.36
C ALA B 71 -15.23 20.01 -6.41
N ALA B 72 -14.41 20.64 -7.25
CA ALA B 72 -14.88 21.62 -8.27
C ALA B 72 -15.73 20.88 -9.33
N ILE B 73 -15.38 19.64 -9.66
CA ILE B 73 -16.17 18.78 -10.58
C ILE B 73 -17.57 18.54 -10.00
N ALA B 74 -17.67 18.09 -8.73
CA ALA B 74 -18.94 17.88 -8.01
C ALA B 74 -19.76 19.17 -8.04
N TYR B 75 -19.10 20.29 -7.74
CA TYR B 75 -19.74 21.62 -7.64
C TYR B 75 -20.33 22.01 -8.99
N ARG B 76 -19.54 21.86 -10.05
CA ARG B 76 -19.98 22.27 -11.42
C ARG B 76 -21.14 21.36 -11.89
N LEU B 77 -21.04 20.06 -11.64
CA LEU B 77 -22.11 19.10 -11.98
C LEU B 77 -23.41 19.58 -11.35
N LEU B 78 -23.39 19.91 -10.05
CA LEU B 78 -24.63 20.19 -9.27
C LEU B 78 -25.17 21.55 -9.73
N LEU B 79 -24.32 22.55 -9.87
CA LEU B 79 -24.81 23.88 -10.31
C LEU B 79 -25.32 23.82 -11.76
N GLY B 80 -24.61 23.11 -12.64
CA GLY B 80 -24.97 23.02 -14.06
C GLY B 80 -26.31 22.33 -14.28
N SER B 81 -26.71 21.45 -13.37
CA SER B 81 -28.02 20.76 -13.37
C SER B 81 -29.15 21.79 -13.18
N GLY B 82 -28.82 22.92 -12.55
CA GLY B 82 -29.81 23.96 -12.19
C GLY B 82 -30.72 23.54 -11.05
N LEU B 83 -30.53 22.34 -10.49
CA LEU B 83 -31.41 21.79 -9.42
C LEU B 83 -31.27 22.49 -8.05
N PRO B 84 -30.08 22.62 -7.43
CA PRO B 84 -29.91 23.24 -6.12
C PRO B 84 -30.65 24.58 -6.00
N GLN B 85 -30.47 25.44 -6.99
CA GLN B 85 -31.10 26.78 -7.09
C GLN B 85 -32.63 26.66 -6.98
N LYS B 86 -33.25 25.65 -7.58
CA LYS B 86 -34.73 25.46 -7.55
C LYS B 86 -35.22 24.92 -6.20
N PHE B 87 -34.33 24.36 -5.39
CA PHE B 87 -34.76 23.76 -4.10
C PHE B 87 -34.27 24.58 -2.90
N GLY B 88 -33.90 25.84 -3.13
CA GLY B 88 -33.53 26.76 -2.05
C GLY B 88 -32.15 26.54 -1.47
N CYS B 89 -31.30 25.82 -2.18
CA CYS B 89 -29.93 25.54 -1.72
C CYS B 89 -28.95 26.50 -2.40
N SER B 90 -28.30 27.38 -1.63
CA SER B 90 -27.34 28.42 -2.08
C SER B 90 -26.06 27.74 -2.58
N ASP B 91 -25.27 28.47 -3.37
CA ASP B 91 -23.98 27.98 -3.88
C ASP B 91 -23.08 27.62 -2.69
N GLU B 92 -23.04 28.51 -1.69
CA GLU B 92 -22.22 28.37 -0.46
C GLU B 92 -22.60 27.10 0.32
N VAL B 93 -23.88 26.89 0.61
CA VAL B 93 -24.34 25.70 1.37
C VAL B 93 -23.95 24.45 0.57
N LEU B 94 -24.06 24.51 -0.76
CA LEU B 94 -23.74 23.38 -1.66
C LEU B 94 -22.25 23.05 -1.54
N LEU B 95 -21.38 24.05 -1.59
CA LEU B 95 -19.92 23.84 -1.54
C LEU B 95 -19.52 23.30 -0.14
N ASN B 96 -20.13 23.84 0.91
CA ASN B 96 -19.91 23.39 2.31
C ASN B 96 -20.25 21.89 2.38
N PHE B 97 -21.41 21.51 1.86
CA PHE B 97 -21.86 20.09 1.86
C PHE B 97 -20.77 19.21 1.22
N ILE B 98 -20.27 19.64 0.07
CA ILE B 98 -19.26 18.87 -0.72
C ILE B 98 -17.98 18.75 0.10
N LEU B 99 -17.55 19.83 0.76
CA LEU B 99 -16.28 19.87 1.54
C LEU B 99 -16.44 19.09 2.84
N GLN B 100 -17.61 19.13 3.47
CA GLN B 100 -17.90 18.30 4.66
C GLN B 100 -17.83 16.84 4.24
N CYS B 101 -18.39 16.49 3.08
CA CYS B 101 -18.35 15.09 2.54
C CYS B 101 -16.90 14.67 2.34
N ARG B 102 -16.10 15.52 1.68
CA ARG B 102 -14.67 15.23 1.35
C ARG B 102 -13.88 14.90 2.62
N LYS B 103 -14.09 15.68 3.68
CA LYS B 103 -13.33 15.53 4.95
C LYS B 103 -13.59 14.15 5.56
N LYS B 104 -14.66 13.45 5.15
CA LYS B 104 -15.01 12.14 5.76
C LYS B 104 -14.59 10.97 4.86
N TYR B 105 -13.91 11.18 3.74
CA TYR B 105 -13.34 10.06 2.95
C TYR B 105 -11.90 9.86 3.39
N ARG B 106 -11.42 8.62 3.37
CA ARG B 106 -10.06 8.26 3.83
C ARG B 106 -9.14 8.10 2.62
N ASN B 107 -7.83 8.11 2.90
CA ASN B 107 -6.80 7.80 1.87
C ASN B 107 -6.77 6.28 1.66
N VAL B 108 -7.76 5.73 0.98
CA VAL B 108 -7.77 4.30 0.59
C VAL B 108 -7.64 4.27 -0.92
N PRO B 109 -7.28 3.12 -1.53
CA PRO B 109 -7.03 3.10 -2.96
C PRO B 109 -8.29 3.33 -3.80
N TYR B 110 -9.48 2.87 -3.39
CA TYR B 110 -10.70 2.89 -4.26
C TYR B 110 -11.85 3.68 -3.62
N HIS B 111 -12.35 3.24 -2.46
CA HIS B 111 -13.51 3.86 -1.78
C HIS B 111 -13.13 5.19 -1.15
N ASN B 112 -12.60 6.10 -1.97
CA ASN B 112 -12.16 7.46 -1.55
C ASN B 112 -13.05 8.52 -2.20
N PHE B 113 -12.72 9.80 -2.04
CA PHE B 113 -13.56 10.92 -2.51
C PHE B 113 -13.69 10.84 -4.02
N TYR B 114 -12.69 10.27 -4.71
CA TYR B 114 -12.67 10.27 -6.19
C TYR B 114 -13.77 9.31 -6.69
N HIS B 115 -13.95 8.17 -6.02
CA HIS B 115 -15.03 7.19 -6.33
C HIS B 115 -16.40 7.88 -6.28
N VAL B 116 -16.66 8.70 -5.28
CA VAL B 116 -18.03 9.23 -5.09
C VAL B 116 -18.22 10.41 -6.04
N VAL B 117 -17.18 11.18 -6.37
CA VAL B 117 -17.29 12.23 -7.44
C VAL B 117 -17.51 11.54 -8.79
N ASP B 118 -16.84 10.41 -9.01
CA ASP B 118 -17.04 9.57 -10.21
C ASP B 118 -18.50 9.11 -10.28
N VAL B 119 -19.08 8.63 -9.17
CA VAL B 119 -20.46 8.08 -9.19
C VAL B 119 -21.43 9.26 -9.42
N CYS B 120 -21.14 10.42 -8.87
CA CYS B 120 -21.95 11.62 -9.08
C CYS B 120 -21.96 11.95 -10.59
N GLN B 121 -20.80 11.95 -11.21
CA GLN B 121 -20.62 12.38 -12.62
C GLN B 121 -21.30 11.36 -13.52
N THR B 122 -21.15 10.09 -13.18
CA THR B 122 -21.73 8.96 -13.94
C THR B 122 -23.25 9.08 -13.90
N ILE B 123 -23.83 9.24 -12.70
CA ILE B 123 -25.29 9.38 -12.51
C ILE B 123 -25.79 10.57 -13.34
N HIS B 124 -25.07 11.70 -13.34
CA HIS B 124 -25.42 12.88 -14.17
C HIS B 124 -25.49 12.48 -15.66
N THR B 125 -24.51 11.74 -16.17
CA THR B 125 -24.58 11.23 -17.56
C THR B 125 -25.81 10.31 -17.74
N PHE B 126 -26.09 9.37 -16.84
CA PHE B 126 -27.26 8.47 -17.03
C PHE B 126 -28.57 9.27 -17.04
N LEU B 127 -28.68 10.29 -16.18
CA LEU B 127 -29.89 11.13 -16.09
C LEU B 127 -30.02 11.96 -17.37
N TYR B 128 -28.96 12.63 -17.82
CA TYR B 128 -29.07 13.72 -18.83
C TYR B 128 -28.60 13.28 -20.23
N ARG B 129 -27.58 12.45 -20.34
CA ARG B 129 -27.23 11.86 -21.66
C ARG B 129 -28.07 10.62 -21.91
N GLY B 130 -28.44 9.89 -20.86
CA GLY B 130 -29.25 8.64 -20.97
C GLY B 130 -30.75 8.89 -20.86
N ASN B 131 -31.17 10.13 -20.60
CA ASN B 131 -32.57 10.61 -20.50
C ASN B 131 -33.35 9.94 -19.36
N VAL B 132 -32.67 9.40 -18.34
CA VAL B 132 -33.38 8.80 -17.18
C VAL B 132 -34.04 9.92 -16.36
N TYR B 133 -33.63 11.18 -16.52
CA TYR B 133 -34.34 12.33 -15.90
C TYR B 133 -35.85 12.33 -16.23
N GLU B 134 -36.23 11.84 -17.40
CA GLU B 134 -37.66 11.76 -17.84
C GLU B 134 -38.47 10.87 -16.90
N LYS B 135 -37.84 9.91 -16.22
CA LYS B 135 -38.52 8.96 -15.30
C LYS B 135 -38.73 9.55 -13.90
N LEU B 136 -38.17 10.71 -13.56
CA LEU B 136 -38.04 11.16 -12.15
C LEU B 136 -38.44 12.63 -12.00
N THR B 137 -38.85 13.04 -10.80
CA THR B 137 -39.06 14.48 -10.49
C THR B 137 -37.70 15.21 -10.49
N GLU B 138 -37.72 16.52 -10.57
CA GLU B 138 -36.48 17.32 -10.38
C GLU B 138 -35.92 17.05 -8.98
N LEU B 139 -36.78 16.93 -7.99
CA LEU B 139 -36.30 16.71 -6.60
C LEU B 139 -35.51 15.41 -6.53
N GLU B 140 -36.04 14.32 -7.12
CA GLU B 140 -35.42 12.97 -7.10
C GLU B 140 -34.08 13.03 -7.83
N CYS B 141 -33.96 13.85 -8.86
CA CYS B 141 -32.69 14.01 -9.62
C CYS B 141 -31.65 14.70 -8.72
N PHE B 142 -32.08 15.75 -8.00
CA PHE B 142 -31.26 16.52 -7.03
C PHE B 142 -30.79 15.55 -5.94
N VAL B 143 -31.72 14.80 -5.37
CA VAL B 143 -31.39 13.84 -4.27
C VAL B 143 -30.36 12.81 -4.79
N LEU B 144 -30.47 12.38 -6.05
CA LEU B 144 -29.54 11.34 -6.59
C LEU B 144 -28.12 11.91 -6.63
N LEU B 145 -27.97 13.14 -7.12
CA LEU B 145 -26.64 13.75 -7.31
C LEU B 145 -26.00 13.98 -5.93
N ILE B 146 -26.82 14.38 -4.94
CA ILE B 146 -26.37 14.58 -3.54
C ILE B 146 -26.03 13.23 -2.93
N THR B 147 -26.90 12.21 -3.11
CA THR B 147 -26.68 10.89 -2.48
C THR B 147 -25.35 10.27 -2.93
N ALA B 148 -25.03 10.37 -4.22
CA ALA B 148 -23.75 9.86 -4.75
C ALA B 148 -22.59 10.26 -3.81
N LEU B 149 -22.56 11.52 -3.35
CA LEU B 149 -21.40 12.10 -2.63
C LEU B 149 -21.35 11.61 -1.17
N VAL B 150 -22.46 11.09 -0.62
CA VAL B 150 -22.51 10.60 0.78
C VAL B 150 -22.44 9.08 0.83
N HIS B 151 -22.50 8.38 -0.30
CA HIS B 151 -22.93 6.95 -0.29
C HIS B 151 -21.84 6.00 0.27
N ASP B 152 -20.61 6.48 0.45
CA ASP B 152 -19.49 5.65 1.01
C ASP B 152 -18.75 6.41 2.12
N LEU B 153 -19.31 7.46 2.72
CA LEU B 153 -18.60 8.29 3.75
C LEU B 153 -17.89 7.37 4.76
N ASP B 154 -16.60 7.65 4.98
CA ASP B 154 -15.77 7.04 6.05
C ASP B 154 -15.57 5.54 5.77
N HIS B 155 -15.53 5.09 4.50
CA HIS B 155 -15.10 3.72 4.11
C HIS B 155 -13.62 3.52 4.46
N MET B 156 -13.25 2.32 4.91
CA MET B 156 -11.87 2.00 5.38
C MET B 156 -11.18 1.03 4.40
N GLY B 157 -11.84 0.72 3.29
CA GLY B 157 -11.32 -0.22 2.29
C GLY B 157 -11.57 -1.66 2.69
N LEU B 158 -12.54 -1.88 3.60
CA LEU B 158 -12.94 -3.23 4.07
C LEU B 158 -14.44 -3.39 3.82
N ASN B 159 -14.85 -4.54 3.35
CA ASN B 159 -16.27 -4.78 3.04
C ASN B 159 -17.03 -5.24 4.29
N ASN B 160 -18.36 -5.30 4.18
CA ASN B 160 -19.26 -5.74 5.27
C ASN B 160 -18.73 -7.07 5.82
N SER B 161 -18.29 -7.95 4.95
CA SER B 161 -17.92 -9.34 5.30
C SER B 161 -16.75 -9.32 6.30
N PHE B 162 -15.80 -8.39 6.15
CA PHE B 162 -14.63 -8.26 7.05
C PHE B 162 -15.11 -8.06 8.48
N TYR B 163 -15.99 -7.07 8.69
CA TYR B 163 -16.52 -6.69 10.01
C TYR B 163 -17.28 -7.87 10.63
N LEU B 164 -18.01 -8.68 9.87
CA LEU B 164 -18.78 -9.82 10.42
C LEU B 164 -17.83 -11.00 10.72
N LYS B 165 -16.93 -11.35 9.81
CA LYS B 165 -15.94 -12.46 9.95
C LYS B 165 -15.01 -12.24 11.16
N THR B 166 -14.47 -11.04 11.31
CA THR B 166 -13.50 -10.70 12.38
C THR B 166 -14.25 -10.41 13.70
N GLU B 167 -15.57 -10.31 13.72
CA GLU B 167 -16.35 -9.87 14.91
C GLU B 167 -15.79 -8.55 15.42
N SER B 168 -15.53 -7.65 14.51
CA SER B 168 -15.13 -6.27 14.77
C SER B 168 -16.30 -5.60 15.48
N PRO B 169 -16.10 -4.57 16.34
CA PRO B 169 -17.22 -3.96 17.06
C PRO B 169 -18.39 -3.46 16.19
N LEU B 170 -18.16 -2.83 15.03
CA LEU B 170 -19.29 -2.38 14.15
C LEU B 170 -20.02 -3.61 13.62
N GLY B 171 -19.32 -4.70 13.34
CA GLY B 171 -19.96 -5.98 12.95
C GLY B 171 -20.84 -6.55 14.06
N ILE B 172 -20.37 -6.50 15.31
CA ILE B 172 -21.12 -7.04 16.48
C ILE B 172 -22.41 -6.25 16.66
N LEU B 173 -22.34 -4.92 16.55
CA LEU B 173 -23.51 -4.01 16.67
C LEU B 173 -24.56 -4.35 15.59
N SER B 174 -24.13 -4.57 14.35
CA SER B 174 -24.99 -4.99 13.21
C SER B 174 -25.65 -6.34 13.48
N SER B 175 -24.91 -7.34 13.93
CA SER B 175 -25.52 -8.64 14.32
C SER B 175 -26.58 -8.37 15.40
N ALA B 176 -26.25 -7.58 16.43
CA ALA B 176 -27.12 -7.38 17.60
C ALA B 176 -28.39 -6.62 17.17
N SER B 177 -28.25 -5.60 16.32
CA SER B 177 -29.35 -4.69 15.89
C SER B 177 -30.14 -5.26 14.70
N GLY B 178 -29.72 -6.40 14.12
CA GLY B 178 -30.41 -7.16 13.07
C GLY B 178 -30.28 -6.59 11.65
N ASN B 179 -29.36 -5.65 11.36
CA ASN B 179 -29.09 -5.20 9.96
C ASN B 179 -27.65 -5.59 9.57
N THR B 180 -27.48 -6.47 8.57
CA THR B 180 -26.17 -7.00 8.10
C THR B 180 -25.47 -5.99 7.17
N SER B 181 -26.12 -4.88 6.79
CA SER B 181 -25.49 -3.84 5.95
C SER B 181 -24.63 -2.92 6.83
N VAL B 182 -23.48 -3.42 7.30
CA VAL B 182 -22.62 -2.72 8.31
C VAL B 182 -22.23 -1.34 7.78
N LEU B 183 -21.63 -1.26 6.59
CA LEU B 183 -21.08 0.03 6.08
C LEU B 183 -22.21 1.00 5.69
N GLU B 184 -23.26 0.48 5.05
CA GLU B 184 -24.31 1.31 4.42
C GLU B 184 -25.07 2.05 5.51
N VAL B 185 -25.36 1.38 6.63
CA VAL B 185 -25.99 2.07 7.81
C VAL B 185 -25.02 3.12 8.36
N HIS B 186 -23.74 2.82 8.45
CA HIS B 186 -22.70 3.76 8.89
C HIS B 186 -22.65 4.96 7.94
N HIS B 187 -22.67 4.75 6.62
CA HIS B 187 -22.64 5.91 5.68
C HIS B 187 -23.88 6.80 5.92
N CYS B 188 -25.07 6.18 6.12
CA CYS B 188 -26.33 6.95 6.31
C CYS B 188 -26.25 7.79 7.59
N ASN B 189 -25.75 7.19 8.67
CA ASN B 189 -25.50 7.85 9.97
C ASN B 189 -24.69 9.13 9.74
N LEU B 190 -23.60 9.07 8.97
CA LEU B 190 -22.71 10.24 8.79
C LEU B 190 -23.32 11.26 7.82
N ALA B 191 -24.14 10.83 6.87
CA ALA B 191 -24.89 11.72 5.96
C ALA B 191 -25.82 12.61 6.79
N VAL B 192 -26.60 11.98 7.67
CA VAL B 192 -27.51 12.69 8.61
C VAL B 192 -26.70 13.71 9.45
N GLU B 193 -25.51 13.34 9.93
CA GLU B 193 -24.67 14.26 10.74
C GLU B 193 -24.34 15.50 9.93
N ILE B 194 -23.81 15.33 8.71
CA ILE B 194 -23.44 16.47 7.82
C ILE B 194 -24.68 17.37 7.61
N LEU B 195 -25.84 16.77 7.33
CA LEU B 195 -27.06 17.54 6.96
C LEU B 195 -27.72 18.15 8.20
N SER B 196 -27.29 17.77 9.40
CA SER B 196 -27.77 18.37 10.68
C SER B 196 -27.19 19.79 10.84
N ASP B 197 -26.00 20.08 10.33
CA ASP B 197 -25.47 21.48 10.32
C ASP B 197 -26.17 22.28 9.21
N PRO B 198 -26.96 23.31 9.57
CA PRO B 198 -27.60 24.20 8.58
C PRO B 198 -26.71 24.75 7.45
N GLU B 199 -25.42 24.96 7.70
CA GLU B 199 -24.44 25.54 6.74
C GLU B 199 -24.08 24.52 5.67
N SER B 200 -24.37 23.25 5.92
CA SER B 200 -24.16 22.16 4.94
C SER B 200 -25.48 21.41 4.66
N ASP B 201 -26.65 21.95 5.05
CA ASP B 201 -27.95 21.26 4.83
C ASP B 201 -28.49 21.62 3.44
N VAL B 202 -28.14 20.85 2.40
CA VAL B 202 -28.63 21.03 0.99
C VAL B 202 -30.15 20.81 0.90
N PHE B 203 -30.79 20.32 1.95
CA PHE B 203 -32.24 20.01 1.98
C PHE B 203 -33.00 21.02 2.86
N ASP B 204 -32.32 22.08 3.30
CA ASP B 204 -32.90 23.01 4.31
C ASP B 204 -34.04 23.80 3.66
N GLY B 205 -33.98 24.03 2.34
CA GLY B 205 -35.02 24.78 1.59
C GLY B 205 -36.28 23.97 1.34
N LEU B 206 -36.32 22.71 1.74
CA LEU B 206 -37.49 21.82 1.53
C LEU B 206 -38.33 21.82 2.81
N GLU B 207 -39.65 21.56 2.68
CA GLU B 207 -40.59 21.53 3.83
C GLU B 207 -41.45 20.27 3.68
N GLY B 208 -42.08 19.84 4.77
CA GLY B 208 -43.16 18.84 4.72
C GLY B 208 -42.72 17.62 3.93
N ALA B 209 -43.55 17.14 3.00
CA ALA B 209 -43.38 15.80 2.39
C ALA B 209 -42.15 15.79 1.46
N GLU B 210 -41.74 16.96 0.92
CA GLU B 210 -40.52 17.07 0.08
C GLU B 210 -39.28 16.81 0.94
N ARG B 211 -39.13 17.50 2.07
CA ARG B 211 -37.95 17.29 2.98
C ARG B 211 -37.92 15.81 3.40
N THR B 212 -39.06 15.23 3.75
CA THR B 212 -39.15 13.80 4.18
C THR B 212 -38.73 12.88 3.03
N LEU B 213 -39.23 13.12 1.81
CA LEU B 213 -38.87 12.28 0.65
C LEU B 213 -37.37 12.41 0.38
N ALA B 214 -36.77 13.59 0.54
CA ALA B 214 -35.33 13.81 0.30
C ALA B 214 -34.49 12.89 1.22
N PHE B 215 -34.80 12.87 2.52
CA PHE B 215 -34.05 12.08 3.51
C PHE B 215 -34.41 10.61 3.29
N ARG B 216 -35.67 10.26 3.13
CA ARG B 216 -36.03 8.82 3.01
C ARG B 216 -35.45 8.23 1.70
N SER B 217 -35.51 8.98 0.59
CA SER B 217 -35.05 8.50 -0.73
C SER B 217 -33.51 8.35 -0.69
N MET B 218 -32.83 9.32 -0.08
CA MET B 218 -31.35 9.27 0.07
C MET B 218 -30.95 8.01 0.83
N ILE B 219 -31.60 7.74 1.99
CA ILE B 219 -31.23 6.63 2.89
C ILE B 219 -31.59 5.33 2.17
N ASP B 220 -32.76 5.25 1.51
CA ASP B 220 -33.18 4.03 0.76
C ASP B 220 -32.11 3.69 -0.30
N CYS B 221 -31.67 4.70 -1.03
CA CYS B 221 -30.64 4.54 -2.09
C CYS B 221 -29.32 4.01 -1.49
N VAL B 222 -28.80 4.65 -0.44
CA VAL B 222 -27.52 4.19 0.18
C VAL B 222 -27.67 2.75 0.66
N LEU B 223 -28.73 2.43 1.40
CA LEU B 223 -28.91 1.02 1.87
C LEU B 223 -28.94 0.04 0.71
N ALA B 224 -29.44 0.43 -0.48
CA ALA B 224 -29.56 -0.46 -1.66
C ALA B 224 -28.22 -0.68 -2.37
N THR B 225 -27.13 -0.02 -1.95
CA THR B 225 -25.77 -0.23 -2.54
C THR B 225 -25.08 -1.45 -1.91
N ASP B 226 -25.59 -2.00 -0.81
CA ASP B 226 -25.08 -3.28 -0.27
C ASP B 226 -25.25 -4.36 -1.35
N MET B 227 -24.15 -4.92 -1.87
CA MET B 227 -24.19 -5.85 -3.05
C MET B 227 -24.81 -7.18 -2.63
N ALA B 228 -25.00 -7.33 -1.33
CA ALA B 228 -25.63 -8.55 -0.78
C ALA B 228 -27.11 -8.53 -1.17
N LYS B 229 -27.66 -7.36 -1.48
CA LYS B 229 -29.09 -7.29 -1.89
C LYS B 229 -29.19 -6.89 -3.36
N HIS B 230 -28.11 -7.05 -4.11
CA HIS B 230 -28.08 -6.69 -5.54
C HIS B 230 -29.23 -7.39 -6.29
N GLY B 231 -29.30 -8.72 -6.16
CA GLY B 231 -30.26 -9.59 -6.85
C GLY B 231 -31.67 -9.06 -6.68
N SER B 232 -32.06 -8.78 -5.44
CA SER B 232 -33.47 -8.48 -5.09
C SER B 232 -33.81 -7.02 -5.40
N ALA B 233 -32.84 -6.10 -5.28
CA ALA B 233 -32.99 -4.70 -5.77
C ALA B 233 -33.32 -4.73 -7.26
N LEU B 234 -32.54 -5.50 -8.01
CA LEU B 234 -32.73 -5.60 -9.47
C LEU B 234 -34.10 -6.21 -9.79
N GLU B 235 -34.44 -7.28 -9.09
CA GLU B 235 -35.72 -7.99 -9.35
C GLU B 235 -36.90 -7.06 -9.06
N ALA B 236 -36.84 -6.32 -7.96
CA ALA B 236 -37.90 -5.36 -7.58
C ALA B 236 -37.99 -4.22 -8.60
N PHE B 237 -36.87 -3.70 -9.07
CA PHE B 237 -36.91 -2.66 -10.13
C PHE B 237 -37.63 -3.21 -11.37
N LEU B 238 -37.24 -4.39 -11.86
CA LEU B 238 -37.83 -4.96 -13.11
C LEU B 238 -39.34 -5.14 -12.88
N ALA B 239 -39.75 -5.62 -11.71
CA ALA B 239 -41.18 -5.71 -11.33
C ALA B 239 -41.84 -4.33 -11.50
N SER B 240 -41.40 -3.30 -10.76
CA SER B 240 -41.96 -1.92 -10.78
C SER B 240 -42.01 -1.36 -12.22
N ALA B 241 -41.10 -1.77 -13.11
CA ALA B 241 -40.94 -1.20 -14.47
C ALA B 241 -41.95 -1.85 -15.43
N ALA B 242 -42.18 -3.16 -15.31
CA ALA B 242 -43.13 -3.92 -16.14
C ALA B 242 -44.55 -3.52 -15.76
N ASP B 243 -44.73 -2.80 -14.64
CA ASP B 243 -46.06 -2.30 -14.18
C ASP B 243 -45.89 -1.03 -13.31
N GLN B 244 -45.62 0.10 -13.98
CA GLN B 244 -45.40 1.45 -13.39
C GLN B 244 -46.75 2.10 -13.09
N SER B 245 -47.74 1.81 -13.93
CA SER B 245 -49.11 2.36 -13.79
C SER B 245 -49.63 1.91 -12.42
N SER B 246 -49.40 0.65 -12.09
CA SER B 246 -49.74 0.30 -10.72
C SER B 246 -48.46 0.60 -9.93
N ASP B 247 -48.50 1.66 -9.11
CA ASP B 247 -47.48 2.17 -8.16
C ASP B 247 -46.39 3.06 -8.76
N GLU B 248 -46.73 4.29 -9.15
CA GLU B 248 -45.74 5.26 -9.68
C GLU B 248 -44.69 5.53 -8.59
N ALA B 249 -45.09 5.66 -7.33
CA ALA B 249 -44.19 6.05 -6.22
C ALA B 249 -43.12 4.97 -6.03
N ALA B 250 -43.53 3.69 -6.08
CA ALA B 250 -42.62 2.54 -6.02
C ALA B 250 -41.63 2.61 -7.19
N PHE B 251 -42.10 2.80 -8.42
CA PHE B 251 -41.24 2.72 -9.62
C PHE B 251 -40.23 3.89 -9.55
N HIS B 252 -40.67 5.05 -9.09
CA HIS B 252 -39.78 6.22 -8.89
C HIS B 252 -38.67 5.83 -7.91
N ARG B 253 -39.05 5.19 -6.80
CA ARG B 253 -38.10 4.90 -5.69
C ARG B 253 -37.14 3.82 -6.18
N MET B 254 -37.63 2.77 -6.83
CA MET B 254 -36.77 1.69 -7.42
C MET B 254 -35.86 2.26 -8.52
N THR B 255 -36.33 3.19 -9.34
CA THR B 255 -35.47 3.81 -10.38
C THR B 255 -34.33 4.53 -9.67
N MET B 256 -34.59 5.31 -8.63
CA MET B 256 -33.52 5.98 -7.84
C MET B 256 -32.50 4.93 -7.33
N GLU B 257 -32.96 3.87 -6.67
CA GLU B 257 -32.07 2.83 -6.13
C GLU B 257 -31.21 2.23 -7.25
N ILE B 258 -31.82 1.93 -8.41
CA ILE B 258 -31.11 1.21 -9.49
C ILE B 258 -30.10 2.17 -10.16
N ILE B 259 -30.39 3.48 -10.22
CA ILE B 259 -29.43 4.43 -10.85
C ILE B 259 -28.22 4.60 -9.93
N LEU B 260 -28.40 4.76 -8.60
CA LEU B 260 -27.23 4.83 -7.69
C LEU B 260 -26.47 3.51 -7.77
N LYS B 261 -27.14 2.35 -7.75
CA LYS B 261 -26.44 1.05 -7.94
C LYS B 261 -25.68 1.03 -9.26
N ALA B 262 -26.31 1.44 -10.37
CA ALA B 262 -25.70 1.45 -11.71
C ALA B 262 -24.45 2.37 -11.74
N GLY B 263 -24.52 3.56 -11.14
CA GLY B 263 -23.36 4.47 -11.01
C GLY B 263 -22.25 3.77 -10.21
N ASP B 264 -22.64 3.02 -9.19
CA ASP B 264 -21.68 2.40 -8.24
C ASP B 264 -20.87 1.30 -8.92
N ILE B 265 -21.45 0.56 -9.87
CA ILE B 265 -20.74 -0.50 -10.64
C ILE B 265 -20.54 -0.03 -12.10
N SER B 266 -20.41 1.27 -12.34
CA SER B 266 -20.28 1.86 -13.70
C SER B 266 -18.84 1.78 -14.27
N ASN B 267 -17.84 1.36 -13.50
CA ASN B 267 -16.42 1.43 -13.93
C ASN B 267 -16.23 0.67 -15.26
N VAL B 268 -16.86 -0.49 -15.43
CA VAL B 268 -16.72 -1.33 -16.64
C VAL B 268 -17.48 -0.73 -17.84
N THR B 269 -18.23 0.37 -17.69
CA THR B 269 -18.94 1.03 -18.82
C THR B 269 -18.12 2.22 -19.33
N LYS B 270 -16.88 2.36 -18.88
CA LYS B 270 -16.08 3.57 -19.24
C LYS B 270 -15.12 3.23 -20.39
N PRO B 271 -14.60 4.25 -21.11
CA PRO B 271 -13.50 4.04 -22.07
C PRO B 271 -12.40 3.20 -21.40
N PHE B 272 -11.81 2.22 -22.13
CA PHE B 272 -10.97 1.14 -21.57
C PHE B 272 -9.86 1.71 -20.69
N ASP B 273 -9.19 2.79 -21.06
CA ASP B 273 -8.03 3.30 -20.27
C ASP B 273 -8.50 3.70 -18.87
N ILE B 274 -9.69 4.30 -18.77
CA ILE B 274 -10.32 4.71 -17.49
C ILE B 274 -10.74 3.45 -16.73
N SER B 275 -11.41 2.52 -17.39
CA SER B 275 -11.92 1.26 -16.79
C SER B 275 -10.75 0.47 -16.15
N ARG B 276 -9.64 0.34 -16.84
CA ARG B 276 -8.42 -0.39 -16.37
C ARG B 276 -7.89 0.27 -15.09
N GLN B 277 -7.76 1.60 -15.06
CA GLN B 277 -7.28 2.33 -13.88
C GLN B 277 -8.19 2.04 -12.67
N TRP B 278 -9.51 2.06 -12.83
CA TRP B 278 -10.48 1.71 -11.77
C TRP B 278 -10.22 0.27 -11.32
N ALA B 279 -10.03 -0.64 -12.27
CA ALA B 279 -9.85 -2.08 -11.96
C ALA B 279 -8.56 -2.24 -11.09
N MET B 280 -7.56 -1.39 -11.34
CA MET B 280 -6.26 -1.42 -10.62
C MET B 280 -6.50 -0.96 -9.18
N ALA B 281 -7.21 0.15 -9.00
CA ALA B 281 -7.52 0.74 -7.68
C ALA B 281 -8.35 -0.23 -6.82
N VAL B 282 -9.40 -0.84 -7.35
CA VAL B 282 -10.24 -1.78 -6.54
C VAL B 282 -9.44 -3.04 -6.23
N THR B 283 -8.54 -3.46 -7.11
CA THR B 283 -7.69 -4.68 -6.92
C THR B 283 -6.73 -4.45 -5.74
N GLU B 284 -6.08 -3.29 -5.65
CA GLU B 284 -5.17 -2.96 -4.53
C GLU B 284 -6.00 -2.94 -3.23
N GLU B 285 -7.22 -2.40 -3.25
CA GLU B 285 -8.05 -2.30 -2.02
C GLU B 285 -8.43 -3.70 -1.51
N PHE B 286 -8.89 -4.57 -2.42
CA PHE B 286 -9.25 -5.97 -2.09
C PHE B 286 -8.03 -6.66 -1.48
N TYR B 287 -6.85 -6.55 -2.10
CA TYR B 287 -5.61 -7.20 -1.63
C TYR B 287 -5.22 -6.73 -0.21
N ARG B 288 -5.36 -5.44 0.10
CA ARG B 288 -5.12 -4.91 1.47
C ARG B 288 -6.16 -5.48 2.43
N GLN B 289 -7.42 -5.68 2.01
CA GLN B 289 -8.38 -6.36 2.91
C GLN B 289 -7.84 -7.76 3.19
N GLY B 290 -7.38 -8.47 2.16
CA GLY B 290 -6.80 -9.82 2.31
C GLY B 290 -5.64 -9.83 3.29
N ASP B 291 -4.77 -8.81 3.22
CA ASP B 291 -3.59 -8.67 4.10
C ASP B 291 -4.05 -8.54 5.55
N MET B 292 -5.01 -7.64 5.83
CA MET B 292 -5.57 -7.46 7.18
C MET B 292 -6.32 -8.70 7.69
N GLU B 293 -6.94 -9.48 6.80
CA GLU B 293 -7.57 -10.78 7.18
C GLU B 293 -6.47 -11.75 7.63
N LYS B 294 -5.36 -11.84 6.90
CA LYS B 294 -4.22 -12.72 7.28
C LYS B 294 -3.78 -12.32 8.69
N GLU B 295 -3.66 -11.01 8.93
CA GLU B 295 -3.29 -10.39 10.23
C GLU B 295 -4.22 -10.86 11.36
N ARG B 296 -5.53 -10.95 11.11
CA ARG B 296 -6.54 -11.42 12.10
C ARG B 296 -6.58 -12.94 12.12
N GLY B 297 -5.89 -13.66 11.24
CA GLY B 297 -6.03 -15.12 11.07
C GLY B 297 -7.44 -15.54 10.65
N VAL B 298 -8.11 -14.82 9.77
CA VAL B 298 -9.41 -15.28 9.20
C VAL B 298 -9.18 -15.73 7.75
N GLU B 299 -10.15 -16.46 7.21
CA GLU B 299 -10.26 -16.89 5.78
C GLU B 299 -10.02 -15.69 4.84
N VAL B 300 -9.18 -15.90 3.83
CA VAL B 300 -9.03 -14.95 2.70
C VAL B 300 -9.59 -15.63 1.45
N LEU B 301 -10.65 -15.07 0.88
CA LEU B 301 -11.20 -15.51 -0.42
C LEU B 301 -10.16 -15.24 -1.51
N PRO B 302 -10.07 -16.10 -2.55
CA PRO B 302 -9.15 -15.90 -3.68
C PRO B 302 -9.08 -14.49 -4.29
N MET B 303 -10.23 -13.85 -4.49
CA MET B 303 -10.34 -12.49 -5.09
C MET B 303 -9.56 -11.50 -4.20
N PHE B 304 -9.37 -11.82 -2.91
CA PHE B 304 -8.78 -10.90 -1.92
C PHE B 304 -7.31 -11.25 -1.68
N ASP B 305 -6.83 -12.34 -2.27
CA ASP B 305 -5.56 -13.02 -1.88
C ASP B 305 -4.43 -12.61 -2.84
N ARG B 306 -3.54 -11.74 -2.38
CA ARG B 306 -2.41 -11.19 -3.20
C ARG B 306 -1.51 -12.30 -3.73
N SER B 307 -1.50 -13.46 -3.05
CA SER B 307 -0.56 -14.58 -3.30
C SER B 307 -1.05 -15.53 -4.40
N LYS B 308 -2.20 -15.28 -5.05
CA LYS B 308 -2.67 -16.04 -6.25
C LYS B 308 -2.12 -15.36 -7.51
N ASN B 309 -1.72 -14.08 -7.36
CA ASN B 309 -1.20 -13.20 -8.43
C ASN B 309 -2.12 -13.27 -9.66
N MET B 310 -3.40 -13.62 -9.46
CA MET B 310 -4.44 -13.67 -10.53
C MET B 310 -4.40 -12.33 -11.28
N GLU B 311 -4.45 -12.39 -12.61
CA GLU B 311 -4.28 -11.21 -13.50
C GLU B 311 -5.49 -10.29 -13.36
N LEU B 312 -5.28 -9.00 -13.59
CA LEU B 312 -6.33 -7.96 -13.62
C LEU B 312 -7.46 -8.37 -14.57
N ALA B 313 -7.16 -8.98 -15.73
CA ALA B 313 -8.12 -9.28 -16.81
C ALA B 313 -9.13 -10.36 -16.38
N LYS B 314 -8.69 -11.48 -15.82
CA LYS B 314 -9.60 -12.56 -15.37
C LYS B 314 -10.64 -12.00 -14.41
N GLY B 315 -10.23 -11.01 -13.59
CA GLY B 315 -11.09 -10.34 -12.60
C GLY B 315 -12.22 -9.58 -13.27
N GLN B 316 -11.88 -8.67 -14.19
CA GLN B 316 -12.83 -7.82 -14.94
C GLN B 316 -13.77 -8.67 -15.81
N ILE B 317 -13.26 -9.62 -16.59
CA ILE B 317 -14.12 -10.52 -17.41
C ILE B 317 -15.10 -11.27 -16.50
N GLY B 318 -14.64 -11.79 -15.38
CA GLY B 318 -15.54 -12.46 -14.41
C GLY B 318 -16.62 -11.51 -13.93
N PHE B 319 -16.24 -10.32 -13.47
CA PHE B 319 -17.19 -9.32 -12.94
C PHE B 319 -18.17 -8.92 -14.06
N ILE B 320 -17.67 -8.76 -15.29
CA ILE B 320 -18.53 -8.44 -16.48
C ILE B 320 -19.53 -9.58 -16.72
N ASP B 321 -19.06 -10.81 -16.84
CA ASP B 321 -19.92 -11.97 -17.21
C ASP B 321 -21.01 -12.18 -16.14
N PHE B 322 -20.64 -12.25 -14.87
CA PHE B 322 -21.58 -12.68 -13.80
C PHE B 322 -22.34 -11.51 -13.17
N VAL B 323 -21.86 -10.27 -13.22
CA VAL B 323 -22.51 -9.16 -12.46
C VAL B 323 -22.95 -8.06 -13.41
N ALA B 324 -22.02 -7.38 -14.07
CA ALA B 324 -22.26 -6.03 -14.65
C ALA B 324 -23.01 -6.11 -15.99
N ALA B 325 -22.70 -7.07 -16.88
CA ALA B 325 -23.36 -7.15 -18.21
C ALA B 325 -24.80 -7.62 -18.04
N PRO B 326 -25.12 -8.65 -17.25
CA PRO B 326 -26.53 -8.97 -17.01
C PRO B 326 -27.28 -7.77 -16.39
N PHE B 327 -26.67 -7.01 -15.49
CA PHE B 327 -27.35 -5.91 -14.78
C PHE B 327 -27.66 -4.79 -15.79
N PHE B 328 -26.69 -4.36 -16.58
CA PHE B 328 -26.89 -3.22 -17.52
C PHE B 328 -27.82 -3.65 -18.67
N GLN B 329 -27.77 -4.92 -19.10
CA GLN B 329 -28.63 -5.38 -20.21
C GLN B 329 -30.06 -5.38 -19.68
N LYS B 330 -30.29 -5.95 -18.50
CA LYS B 330 -31.64 -6.08 -17.94
C LYS B 330 -32.27 -4.71 -17.71
N ILE B 331 -31.57 -3.73 -17.13
CA ILE B 331 -32.20 -2.42 -16.81
C ILE B 331 -32.39 -1.61 -18.10
N VAL B 332 -31.55 -1.81 -19.11
CA VAL B 332 -31.66 -1.07 -20.39
C VAL B 332 -32.88 -1.60 -21.17
N ASP B 333 -33.04 -2.92 -21.24
CA ASP B 333 -34.14 -3.60 -21.96
C ASP B 333 -35.47 -3.30 -21.28
N ALA B 334 -35.50 -3.36 -19.96
CA ALA B 334 -36.74 -3.23 -19.17
C ALA B 334 -37.30 -1.82 -19.33
N CYS B 335 -36.46 -0.82 -19.63
CA CYS B 335 -36.84 0.55 -19.25
C CYS B 335 -35.92 1.64 -19.78
N LEU B 336 -34.61 1.55 -19.49
CA LEU B 336 -33.64 2.68 -19.63
C LEU B 336 -32.92 2.55 -20.97
N GLN B 337 -33.69 2.56 -22.07
CA GLN B 337 -33.19 2.38 -23.46
C GLN B 337 -32.09 3.42 -23.74
N GLY B 338 -32.19 4.62 -23.16
CA GLY B 338 -31.24 5.72 -23.43
C GLY B 338 -29.85 5.37 -22.90
N MET B 339 -29.72 4.38 -22.03
CA MET B 339 -28.40 3.97 -21.48
C MET B 339 -27.77 2.81 -22.29
N GLN B 340 -28.18 2.56 -23.55
CA GLN B 340 -27.65 1.45 -24.39
C GLN B 340 -26.12 1.48 -24.46
N TRP B 341 -25.53 2.68 -24.54
CA TRP B 341 -24.05 2.84 -24.63
C TRP B 341 -23.33 2.02 -23.55
N THR B 342 -23.95 1.89 -22.37
CA THR B 342 -23.32 1.14 -21.24
C THR B 342 -23.11 -0.30 -21.67
N VAL B 343 -24.13 -0.93 -22.25
CA VAL B 343 -24.07 -2.34 -22.72
C VAL B 343 -23.01 -2.43 -23.84
N ASP B 344 -23.01 -1.45 -24.74
CA ASP B 344 -22.03 -1.42 -25.85
C ASP B 344 -20.61 -1.43 -25.29
N ARG B 345 -20.28 -0.55 -24.35
CA ARG B 345 -18.90 -0.42 -23.79
C ARG B 345 -18.48 -1.64 -23.01
N ILE B 346 -19.36 -2.20 -22.19
CA ILE B 346 -18.99 -3.43 -21.45
C ILE B 346 -18.49 -4.47 -22.46
N LYS B 347 -19.19 -4.65 -23.58
CA LYS B 347 -18.83 -5.65 -24.63
C LYS B 347 -17.45 -5.30 -25.21
N SER B 348 -17.30 -4.06 -25.66
CA SER B 348 -16.04 -3.45 -26.13
C SER B 348 -14.89 -3.66 -25.11
N ASN B 349 -15.11 -3.35 -23.82
CA ASN B 349 -14.08 -3.52 -22.76
C ASN B 349 -13.76 -5.01 -22.57
N ARG B 350 -14.77 -5.88 -22.51
CA ARG B 350 -14.54 -7.32 -22.30
C ARG B 350 -13.62 -7.88 -23.39
N ALA B 351 -13.84 -7.50 -24.64
CA ALA B 351 -13.05 -7.95 -25.80
C ALA B 351 -11.60 -7.52 -25.61
N GLN B 352 -11.39 -6.26 -25.16
CA GLN B 352 -10.05 -5.70 -24.86
C GLN B 352 -9.37 -6.43 -23.67
N TRP B 353 -10.10 -6.85 -22.64
CA TRP B 353 -9.51 -7.70 -21.56
C TRP B 353 -9.07 -9.06 -22.13
N GLU B 354 -9.79 -9.59 -23.12
CA GLU B 354 -9.40 -10.88 -23.75
C GLU B 354 -8.14 -10.67 -24.57
N ARG B 355 -7.99 -9.51 -25.23
CA ARG B 355 -6.80 -9.14 -26.02
C ARG B 355 -5.59 -8.93 -25.11
N VAL B 356 -5.83 -8.42 -23.90
CA VAL B 356 -4.74 -8.19 -22.91
C VAL B 356 -4.30 -9.56 -22.37
N LEU B 357 -5.24 -10.50 -22.24
CA LEU B 357 -5.03 -11.87 -21.68
C LEU B 357 -4.13 -12.71 -22.59
N GLU B 358 -4.03 -12.40 -23.89
CA GLU B 358 -3.21 -13.18 -24.86
C GLU B 358 -1.94 -12.41 -25.22
N THR B 359 -1.58 -11.39 -24.42
CA THR B 359 -0.32 -10.60 -24.51
C THR B 359 -0.01 -9.97 -23.14
ZN ZN C . 21.02 -7.08 9.67
MG MG D . 23.40 -7.07 12.53
C FMT E . 40.01 0.10 -10.88
O1 FMT E . 39.89 -1.10 -10.74
O2 FMT E . 39.07 0.92 -11.28
C FMT F . 45.33 1.39 -6.30
O1 FMT F . 45.24 0.97 -7.43
O2 FMT F . 44.47 2.20 -5.71
C FMT G . 8.11 -7.96 -9.23
O1 FMT G . 8.82 -8.85 -8.83
O2 FMT G . 7.87 -6.84 -8.58
C GAI H . 43.60 -12.50 -1.85
N1 GAI H . 43.01 -12.68 -0.64
N2 GAI H . 44.87 -12.64 -2.07
N3 GAI H . 42.80 -12.14 -2.86
C GAI I . 35.39 2.37 -12.99
N1 GAI I . 36.41 1.57 -12.64
N2 GAI I . 35.02 3.33 -12.18
N3 GAI I . 34.79 2.10 -14.16
C1 GOL J . 20.92 -14.63 -12.48
O1 GOL J . 20.68 -14.00 -13.74
C2 GOL J . 20.27 -16.00 -12.38
O2 GOL J . 18.93 -15.95 -12.85
C3 GOL J . 21.03 -17.06 -13.14
O3 GOL J . 21.26 -18.20 -12.31
C1 GOL K . 9.26 4.52 -6.13
O1 GOL K . 9.64 5.88 -5.92
C2 GOL K . 9.83 4.05 -7.45
O2 GOL K . 11.06 4.74 -7.67
C3 GOL K . 10.04 2.56 -7.51
O3 GOL K . 10.26 2.11 -8.85
C1 GOL L . 21.25 -21.43 5.07
O1 GOL L . 22.30 -20.47 5.21
C2 GOL L . 21.57 -22.75 5.72
O2 GOL L . 22.81 -23.23 5.21
C3 GOL L . 21.60 -22.69 7.23
O3 GOL L . 22.81 -23.23 7.75
ZN ZN M . -19.57 3.14 -3.82
MG MG N . -20.59 1.34 -0.70
C GAI O . -23.89 9.25 -25.43
N1 GAI O . -23.01 8.29 -25.48
N2 GAI O . -25.19 8.96 -25.45
N3 GAI O . -23.51 10.53 -25.35
C1 GOL P . -37.73 17.63 -16.82
O1 GOL P . -38.67 18.13 -17.77
C2 GOL P . -38.31 16.46 -16.04
O2 GOL P . -39.20 15.71 -16.85
C3 GOL P . -37.26 15.56 -15.44
O3 GOL P . -37.01 15.87 -14.07
C1 GOL Q . -38.69 23.03 -10.19
O1 GOL Q . -38.63 24.45 -10.10
C2 GOL Q . -39.40 22.41 -9.01
O2 GOL Q . -40.50 23.24 -8.61
C3 GOL Q . -39.86 21.00 -9.29
O3 GOL Q . -41.20 20.78 -8.86
C1 GOL R . -34.15 6.89 -21.37
O1 GOL R . -33.48 5.91 -20.57
C2 GOL R . -35.49 6.38 -21.86
O2 GOL R . -36.51 7.33 -21.53
C3 GOL R . -35.52 6.05 -23.33
O3 GOL R . -34.85 7.04 -24.10
C1 GOL S . -9.58 13.59 4.21
O1 GOL S . -9.05 14.77 4.79
C2 GOL S . -9.42 13.60 2.71
O2 GOL S . -8.05 13.42 2.37
C3 GOL S . -10.26 12.55 2.01
O3 GOL S . -10.69 12.96 0.72
C1 PEG T . -40.43 18.26 -6.84
O1 PEG T . -39.82 18.04 -8.12
C2 PEG T . -41.58 17.32 -6.56
O2 PEG T . -41.52 16.85 -5.22
C3 PEG T . -42.34 15.69 -4.99
C4 PEG T . -41.47 14.44 -4.89
O4 PEG T . -40.58 14.23 -5.99
O1 J2E U . -14.11 -3.37 -11.08
C7 J2E U . -18.64 -7.38 -4.83
O2 J2E U . -19.00 -4.62 -3.57
C6 J2E U . -17.16 -4.66 -6.54
C1 J2E U . -13.70 -2.02 -11.36
N1 J2E U . -17.26 -5.92 -6.26
C5 J2E U . -16.41 -4.26 -7.73
C4 J2E U . -16.56 -3.00 -8.32
C3 J2E U . -15.82 -2.67 -9.45
C2 J2E U . -14.92 -3.58 -9.99
C13 J2E U . -17.46 -8.33 -4.59
C14 J2E U . -18.40 -4.84 -4.60
C12 J2E U . -17.75 -9.80 -4.23
C11 J2E U . -17.97 -10.74 -5.42
C16 J2E U . -18.99 -2.93 -6.14
C17 J2E U . -16.84 -2.85 -4.78
C15 J2E U . -17.84 -3.76 -5.52
C10 J2E U . -18.96 -10.24 -6.47
C9 J2E U . -20.05 -9.30 -5.96
C8 J2E U . -19.65 -7.82 -5.90
C18 J2E U . -15.51 -5.17 -8.26
C19 J2E U . -14.76 -4.85 -9.39
C20 J2E U . -13.28 -6.76 -8.99
C21 J2E U . -11.91 -7.15 -9.51
C22 J2E U . -11.81 -8.62 -9.19
C23 J2E U . -13.17 -9.14 -9.43
C24 J2E U . -14.13 -8.02 -9.03
N2 J2E U . -18.12 -6.03 -5.20
O3 J2E U . -13.87 -5.77 -9.89
#